data_3GXN
#
_entry.id   3GXN
#
_cell.length_a   90.375
_cell.length_b   90.375
_cell.length_c   217.524
_cell.angle_alpha   90.000
_cell.angle_beta   90.000
_cell.angle_gamma   120.000
#
_symmetry.space_group_name_H-M   'P 32 2 1'
#
loop_
_entity.id
_entity.type
_entity.pdbx_description
1 polymer 'Alpha-galactosidase A'
2 branched 2-acetamido-2-deoxy-beta-D-glucopyranose-(1-4)-2-acetamido-2-deoxy-beta-D-glucopyranose
3 non-polymer 'SULFATE ION'
#
_entity_poly.entity_id   1
_entity_poly.type   'polypeptide(L)'
_entity_poly.pdbx_seq_one_letter_code
;LDNGLARTPTMGWLHWERFMCNLDCQEEPDSCISEKLFMEMAELMVSEGWKDAGYEYLCIDDCWMAPQRDSEGRLQADPQ
RFPHGIRQLANYVHSKGLKLGIYADVGNKTCAGFPGSFGYYDIDAQTFADWGVDLLKFDGCYCDSLENLADGYKHMSLAL
NRTGRSIVYSCEWPLYMWPFQKPNYTEIRQYCNHWRNFADIDDSWKSIKSILDWTSFNQERIVDVAGPGGWNDPDMLVIG
NFGLSWNQQVTQMALWAIMAAPLFMSNDLRHISPQAKALLQDKDVIAINQDPLGKQGYQLRQGDNFEVWERPLSGLAWAV
AMINRQEIGGPRSYTIAVASLGKGVACNPACFITQLLPVKRKLGFYEWTSRLRSHINPTGTVLLQLENTMQMSLKDLL
;
_entity_poly.pdbx_strand_id   A,B
#
# COMPACT_ATOMS: atom_id res chain seq x y z
N LEU A 1 -6.80 -22.01 -27.29
CA LEU A 1 -6.43 -23.43 -27.47
C LEU A 1 -7.57 -24.44 -27.13
N ASP A 2 -7.99 -25.14 -28.18
CA ASP A 2 -9.04 -26.15 -28.13
C ASP A 2 -8.61 -27.55 -27.59
N ASN A 3 -7.95 -27.60 -26.44
CA ASN A 3 -7.73 -28.90 -25.77
C ASN A 3 -8.91 -29.26 -24.84
N GLY A 4 -10.01 -28.52 -24.94
CA GLY A 4 -11.15 -28.66 -24.04
C GLY A 4 -10.88 -28.30 -22.57
N LEU A 5 -9.78 -27.59 -22.33
CA LEU A 5 -9.37 -27.28 -20.96
C LEU A 5 -9.47 -25.79 -20.77
N ALA A 6 -9.29 -25.35 -19.51
CA ALA A 6 -9.45 -23.93 -19.10
C ALA A 6 -10.76 -23.30 -19.59
N ARG A 7 -11.82 -24.10 -19.62
CA ARG A 7 -13.10 -23.62 -20.06
C ARG A 7 -13.56 -22.43 -19.16
N THR A 8 -13.04 -22.35 -17.93
CA THR A 8 -13.11 -21.11 -17.14
C THR A 8 -11.68 -20.77 -16.70
N PRO A 9 -11.39 -19.49 -16.34
CA PRO A 9 -9.99 -19.09 -16.08
C PRO A 9 -9.38 -19.93 -14.93
N THR A 10 -8.26 -20.61 -15.18
CA THR A 10 -7.64 -21.52 -14.19
C THR A 10 -7.42 -20.87 -12.84
N MET A 11 -7.80 -21.56 -11.78
CA MET A 11 -7.40 -21.13 -10.44
C MET A 11 -6.42 -22.12 -9.80
N GLY A 12 -5.42 -21.56 -9.11
CA GLY A 12 -4.48 -22.37 -8.32
C GLY A 12 -3.48 -21.58 -7.46
N TRP A 13 -2.27 -22.10 -7.37
CA TRP A 13 -1.26 -21.44 -6.56
C TRP A 13 0.07 -21.66 -7.27
N LEU A 14 0.91 -20.63 -7.27
CA LEU A 14 2.11 -20.59 -8.04
C LEU A 14 3.12 -19.97 -7.11
N HIS A 15 4.28 -20.58 -6.95
CA HIS A 15 5.26 -20.11 -5.98
C HIS A 15 5.99 -18.76 -6.30
N TRP A 16 6.10 -18.40 -7.57
CA TRP A 16 7.05 -17.37 -7.95
C TRP A 16 7.12 -16.07 -7.14
N GLU A 17 6.07 -15.26 -7.10
CA GLU A 17 6.18 -13.88 -6.55
C GLU A 17 6.53 -13.94 -5.12
N ARG A 18 5.92 -14.85 -4.39
CA ARG A 18 6.20 -14.89 -2.99
C ARG A 18 7.49 -15.62 -2.65
N PHE A 19 7.85 -16.64 -3.41
CA PHE A 19 9.00 -17.50 -3.06
C PHE A 19 10.21 -17.42 -3.97
N MET A 20 10.04 -16.78 -5.12
CA MET A 20 11.15 -16.40 -5.97
C MET A 20 12.16 -17.56 -6.21
N CYS A 21 13.47 -17.27 -6.34
CA CYS A 21 14.43 -18.30 -6.75
C CYS A 21 15.30 -18.72 -5.63
N ASN A 22 14.68 -19.04 -4.52
CA ASN A 22 15.43 -19.32 -3.33
C ASN A 22 16.05 -20.73 -3.30
N LEU A 23 17.37 -20.77 -3.33
CA LEU A 23 18.13 -22.03 -3.33
C LEU A 23 18.89 -22.33 -2.04
N ASP A 24 18.71 -21.50 -1.01
CA ASP A 24 19.38 -21.65 0.30
C ASP A 24 18.51 -22.43 1.29
N CYS A 25 18.74 -23.72 1.48
CA CYS A 25 18.02 -24.46 2.53
C CYS A 25 18.93 -24.80 3.69
N GLN A 26 20.12 -24.24 3.68
CA GLN A 26 20.92 -24.12 4.88
C GLN A 26 20.18 -23.21 5.83
N GLU A 27 20.33 -21.92 5.58
CA GLU A 27 19.89 -20.91 6.51
C GLU A 27 18.39 -20.63 6.42
N GLU A 28 17.77 -20.89 5.28
CA GLU A 28 16.32 -20.73 5.21
C GLU A 28 15.57 -21.93 4.65
N PRO A 29 15.58 -23.06 5.38
CA PRO A 29 14.87 -24.25 4.92
C PRO A 29 13.38 -24.02 4.66
N ASP A 30 12.84 -22.85 5.00
CA ASP A 30 11.36 -22.57 4.87
C ASP A 30 10.86 -21.98 3.56
N SER A 31 11.60 -21.06 2.96
CA SER A 31 11.21 -20.48 1.71
C SER A 31 11.89 -21.26 0.57
N CYS A 32 12.91 -22.04 0.93
CA CYS A 32 13.67 -22.80 -0.04
C CYS A 32 12.70 -23.44 -1.03
N ILE A 33 12.98 -23.34 -2.33
CA ILE A 33 12.24 -24.11 -3.32
C ILE A 33 12.61 -25.60 -3.25
N SER A 34 11.69 -26.39 -2.72
CA SER A 34 11.94 -27.79 -2.39
C SER A 34 10.64 -28.53 -2.43
N GLU A 35 10.67 -29.84 -2.54
CA GLU A 35 9.41 -30.57 -2.39
C GLU A 35 8.69 -30.22 -1.10
N LYS A 36 9.37 -30.22 0.03
CA LYS A 36 8.68 -29.94 1.30
C LYS A 36 7.78 -28.70 1.23
N LEU A 37 8.14 -27.74 0.37
CA LEU A 37 7.30 -26.57 0.22
C LEU A 37 6.02 -26.86 -0.56
N PHE A 38 6.11 -27.64 -1.62
CA PHE A 38 4.91 -27.94 -2.38
C PHE A 38 4.01 -28.92 -1.64
N MET A 39 4.65 -29.99 -1.20
CA MET A 39 4.08 -30.95 -0.31
C MET A 39 3.32 -30.28 0.83
N GLU A 40 3.81 -29.15 1.32
CA GLU A 40 3.15 -28.47 2.43
C GLU A 40 1.99 -27.55 1.95
N MET A 41 2.24 -26.81 0.88
CA MET A 41 1.17 -26.04 0.22
C MET A 41 0.01 -26.96 -0.25
N ALA A 42 0.34 -28.13 -0.82
CA ALA A 42 -0.68 -29.12 -1.19
C ALA A 42 -1.51 -29.51 0.05
N GLU A 43 -0.82 -30.05 1.03
CA GLU A 43 -1.39 -30.46 2.30
C GLU A 43 -2.40 -29.45 2.79
N LEU A 44 -2.10 -28.17 2.60
CA LEU A 44 -2.89 -27.04 3.15
C LEU A 44 -4.06 -26.60 2.29
N MET A 45 -3.86 -26.61 0.97
CA MET A 45 -4.90 -26.25 -0.01
C MET A 45 -6.15 -27.06 0.32
N VAL A 46 -5.93 -28.34 0.61
CA VAL A 46 -6.98 -29.20 1.15
C VAL A 46 -7.55 -28.73 2.53
N SER A 47 -6.73 -28.64 3.59
CA SER A 47 -7.17 -28.28 4.96
C SER A 47 -8.02 -27.03 5.07
N GLU A 48 -7.60 -25.95 4.43
CA GLU A 48 -8.28 -24.67 4.54
C GLU A 48 -9.19 -24.39 3.34
N GLY A 49 -9.65 -25.45 2.68
CA GLY A 49 -10.68 -25.37 1.62
C GLY A 49 -10.45 -24.27 0.57
N TRP A 50 -9.18 -24.13 0.18
CA TRP A 50 -8.80 -23.48 -1.07
C TRP A 50 -9.36 -24.32 -2.23
N LYS A 51 -9.15 -25.64 -2.13
CA LYS A 51 -9.64 -26.56 -3.13
C LYS A 51 -11.17 -26.44 -3.14
N ASP A 52 -11.80 -26.59 -1.97
CA ASP A 52 -13.25 -26.33 -1.85
C ASP A 52 -13.64 -25.06 -2.60
N ALA A 53 -12.81 -24.03 -2.51
CA ALA A 53 -13.20 -22.77 -3.05
C ALA A 53 -12.84 -22.63 -4.52
N GLY A 54 -12.05 -23.55 -5.05
CA GLY A 54 -11.83 -23.59 -6.50
C GLY A 54 -10.40 -23.55 -7.05
N TYR A 55 -9.43 -23.49 -6.15
CA TYR A 55 -8.01 -23.43 -6.51
C TYR A 55 -7.53 -24.86 -6.57
N GLU A 56 -7.22 -25.30 -7.79
CA GLU A 56 -6.95 -26.71 -8.06
C GLU A 56 -5.52 -26.94 -8.41
N TYR A 57 -4.85 -25.93 -8.96
CA TYR A 57 -3.53 -26.12 -9.58
C TYR A 57 -2.33 -25.70 -8.71
N LEU A 58 -1.65 -26.68 -8.14
CA LEU A 58 -0.45 -26.39 -7.38
C LEU A 58 0.66 -26.30 -8.42
N CYS A 59 1.18 -25.09 -8.61
CA CYS A 59 2.16 -24.84 -9.65
C CYS A 59 3.51 -24.51 -9.09
N ILE A 60 4.52 -25.23 -9.63
CA ILE A 60 5.93 -24.93 -9.49
C ILE A 60 6.34 -23.94 -10.58
N ASP A 61 7.09 -22.91 -10.22
CA ASP A 61 7.68 -21.97 -11.19
C ASP A 61 9.19 -22.26 -11.41
N ASP A 62 9.99 -21.24 -11.80
CA ASP A 62 11.39 -21.43 -12.16
C ASP A 62 12.22 -22.01 -11.01
N CYS A 63 13.40 -22.59 -11.30
CA CYS A 63 14.35 -23.07 -10.28
C CYS A 63 14.00 -24.40 -9.61
N TRP A 64 13.29 -25.28 -10.33
CA TRP A 64 13.06 -26.65 -9.82
C TRP A 64 14.06 -27.67 -10.37
N MET A 65 14.76 -27.27 -11.44
CA MET A 65 15.51 -28.24 -12.22
C MET A 65 16.97 -28.21 -11.85
N ALA A 66 17.64 -29.34 -12.12
CA ALA A 66 19.05 -29.48 -11.86
C ALA A 66 19.84 -28.66 -12.90
N PRO A 67 21.04 -28.17 -12.52
CA PRO A 67 21.97 -27.40 -13.38
C PRO A 67 21.97 -27.75 -14.87
N GLN A 68 21.99 -29.05 -15.21
CA GLN A 68 21.80 -29.49 -16.61
C GLN A 68 21.02 -30.81 -16.80
N ARG A 69 20.92 -31.24 -18.06
CA ARG A 69 20.20 -32.44 -18.46
C ARG A 69 20.96 -33.73 -18.09
N ASP A 70 20.21 -34.83 -18.08
CA ASP A 70 20.81 -36.12 -17.87
C ASP A 70 21.34 -36.72 -19.16
N SER A 71 21.69 -38.01 -19.04
CA SER A 71 22.21 -38.92 -20.05
C SER A 71 21.34 -39.14 -21.30
N GLU A 72 20.02 -39.21 -21.10
CA GLU A 72 19.10 -39.39 -22.22
C GLU A 72 18.74 -38.04 -22.90
N GLY A 73 19.12 -36.94 -22.28
CA GLY A 73 18.84 -35.61 -22.85
C GLY A 73 17.63 -34.96 -22.20
N ARG A 74 17.10 -35.60 -21.17
CA ARG A 74 15.96 -35.09 -20.47
C ARG A 74 16.36 -34.14 -19.31
N LEU A 75 15.39 -33.30 -18.91
CA LEU A 75 15.49 -32.53 -17.67
C LEU A 75 15.42 -33.45 -16.45
N GLN A 76 15.77 -32.89 -15.29
CA GLN A 76 15.52 -33.54 -14.02
C GLN A 76 15.34 -32.46 -12.96
N ALA A 77 14.54 -32.77 -11.95
CA ALA A 77 14.51 -31.95 -10.76
C ALA A 77 15.90 -31.93 -10.13
N ASP A 78 16.17 -30.85 -9.41
CA ASP A 78 17.40 -30.75 -8.62
C ASP A 78 17.48 -31.92 -7.64
N PRO A 79 18.64 -32.64 -7.62
CA PRO A 79 18.66 -33.88 -6.88
C PRO A 79 18.40 -33.62 -5.41
N GLN A 80 19.06 -32.61 -4.85
CA GLN A 80 19.04 -32.35 -3.41
C GLN A 80 17.74 -31.74 -2.91
N ARG A 81 17.09 -30.91 -3.74
CA ARG A 81 15.87 -30.18 -3.35
C ARG A 81 14.57 -30.94 -3.68
N PHE A 82 14.62 -31.76 -4.73
CA PHE A 82 13.52 -32.66 -5.07
C PHE A 82 14.10 -34.06 -5.10
N PRO A 83 14.47 -34.58 -3.92
CA PRO A 83 15.13 -35.87 -3.88
C PRO A 83 14.28 -36.90 -4.54
N HIS A 84 12.97 -36.82 -4.31
CA HIS A 84 12.03 -37.81 -4.76
C HIS A 84 11.63 -37.68 -6.23
N GLY A 85 11.90 -36.52 -6.84
CA GLY A 85 11.60 -36.29 -8.26
C GLY A 85 10.16 -35.89 -8.46
N ILE A 86 9.78 -35.61 -9.71
CA ILE A 86 8.44 -35.01 -9.97
C ILE A 86 7.30 -36.04 -10.07
N ARG A 87 7.49 -37.09 -10.88
CA ARG A 87 6.55 -38.21 -10.92
C ARG A 87 5.96 -38.50 -9.53
N GLN A 88 6.82 -38.70 -8.53
CA GLN A 88 6.33 -38.93 -7.17
C GLN A 88 5.59 -37.69 -6.61
N LEU A 89 6.20 -36.50 -6.70
CA LEU A 89 5.52 -35.29 -6.22
C LEU A 89 4.14 -35.20 -6.85
N ALA A 90 4.07 -35.41 -8.16
CA ALA A 90 2.81 -35.32 -8.89
C ALA A 90 1.83 -36.23 -8.18
N ASN A 91 2.11 -37.51 -8.33
CA ASN A 91 1.54 -38.56 -7.56
C ASN A 91 0.95 -38.16 -6.22
N TYR A 92 1.78 -37.57 -5.37
CA TYR A 92 1.30 -37.17 -4.06
C TYR A 92 0.18 -36.12 -4.17
N VAL A 93 0.40 -35.12 -5.00
CA VAL A 93 -0.55 -34.03 -5.18
C VAL A 93 -1.90 -34.56 -5.65
N HIS A 94 -1.83 -35.42 -6.67
CA HIS A 94 -3.02 -36.00 -7.23
C HIS A 94 -3.83 -36.62 -6.09
N SER A 95 -3.21 -37.54 -5.35
CA SER A 95 -3.82 -38.22 -4.23
C SER A 95 -4.63 -37.29 -3.31
N LYS A 96 -4.21 -36.03 -3.18
CA LYS A 96 -4.96 -35.07 -2.37
C LYS A 96 -6.06 -34.41 -3.18
N GLY A 97 -6.26 -34.88 -4.42
CA GLY A 97 -7.33 -34.40 -5.28
C GLY A 97 -6.93 -33.12 -5.99
N LEU A 98 -5.62 -32.89 -6.14
CA LEU A 98 -5.07 -31.65 -6.73
C LEU A 98 -4.44 -31.86 -8.10
N LYS A 99 -4.01 -30.78 -8.73
CA LYS A 99 -3.35 -30.87 -10.03
C LYS A 99 -2.05 -30.06 -10.05
N LEU A 100 -1.04 -30.58 -10.78
CA LEU A 100 0.35 -30.07 -10.78
C LEU A 100 0.83 -29.29 -12.01
N GLY A 101 1.31 -28.09 -11.75
CA GLY A 101 1.95 -27.30 -12.77
C GLY A 101 3.44 -27.38 -12.63
N ILE A 102 4.14 -27.24 -13.76
CA ILE A 102 5.60 -27.14 -13.82
C ILE A 102 5.98 -25.96 -14.75
N TYR A 103 7.24 -25.56 -14.77
CA TYR A 103 7.68 -24.40 -15.58
C TYR A 103 8.87 -24.71 -16.49
N ALA A 104 8.83 -24.17 -17.69
CA ALA A 104 9.91 -24.33 -18.66
C ALA A 104 9.96 -23.10 -19.58
N ASP A 105 10.99 -23.03 -20.42
CA ASP A 105 11.29 -21.82 -21.19
C ASP A 105 11.62 -22.11 -22.66
N VAL A 106 11.00 -21.35 -23.56
CA VAL A 106 11.09 -21.62 -24.98
C VAL A 106 12.54 -21.65 -25.44
N GLY A 107 13.38 -20.78 -24.87
CA GLY A 107 14.73 -20.58 -25.38
C GLY A 107 15.82 -21.48 -24.84
N ASN A 108 17.07 -20.99 -24.93
CA ASN A 108 18.26 -21.73 -24.50
C ASN A 108 18.39 -21.91 -22.97
N LYS A 109 17.66 -21.10 -22.22
CA LYS A 109 17.60 -21.16 -20.75
C LYS A 109 16.28 -20.62 -20.16
N THR A 110 15.96 -21.07 -18.94
CA THR A 110 14.95 -20.42 -18.14
C THR A 110 15.50 -19.06 -17.75
N CYS A 111 14.68 -18.25 -17.12
CA CYS A 111 15.11 -16.94 -16.71
C CYS A 111 16.10 -17.04 -15.55
N ALA A 112 16.07 -18.15 -14.84
CA ALA A 112 16.93 -18.31 -13.68
C ALA A 112 18.33 -18.63 -14.16
N GLY A 113 18.42 -19.14 -15.38
CA GLY A 113 19.70 -19.51 -15.94
C GLY A 113 19.73 -21.01 -16.17
N PHE A 114 18.73 -21.72 -15.66
CA PHE A 114 18.66 -23.18 -15.83
C PHE A 114 18.32 -23.62 -17.25
N PRO A 115 18.52 -24.92 -17.57
CA PRO A 115 18.35 -25.40 -18.94
C PRO A 115 17.03 -25.01 -19.62
N GLY A 116 17.14 -24.48 -20.84
CA GLY A 116 15.98 -24.13 -21.66
C GLY A 116 15.56 -25.28 -22.53
N SER A 117 14.62 -25.03 -23.43
CA SER A 117 13.98 -26.13 -24.17
C SER A 117 14.15 -26.12 -25.68
N PHE A 118 14.85 -25.11 -26.18
CA PHE A 118 15.11 -24.99 -27.61
C PHE A 118 15.83 -26.26 -28.08
N GLY A 119 15.18 -26.97 -29.00
CA GLY A 119 15.70 -28.22 -29.55
C GLY A 119 15.17 -29.46 -28.85
N TYR A 120 14.44 -29.25 -27.76
CA TYR A 120 14.06 -30.36 -26.90
C TYR A 120 12.56 -30.50 -26.70
N TYR A 121 11.78 -29.65 -27.34
CA TYR A 121 10.32 -29.60 -27.15
C TYR A 121 9.64 -30.97 -27.20
N ASP A 122 9.89 -31.69 -28.29
CA ASP A 122 9.36 -33.02 -28.44
C ASP A 122 9.67 -33.91 -27.25
N ILE A 123 10.96 -34.13 -26.96
CA ILE A 123 11.30 -34.92 -25.78
C ILE A 123 10.68 -34.34 -24.49
N ASP A 124 10.86 -33.06 -24.26
CA ASP A 124 10.47 -32.43 -23.00
C ASP A 124 8.99 -32.50 -22.63
N ALA A 125 8.15 -32.36 -23.64
CA ALA A 125 6.75 -32.58 -23.48
C ALA A 125 6.56 -33.99 -22.90
N GLN A 126 7.11 -34.97 -23.62
CA GLN A 126 6.94 -36.38 -23.29
C GLN A 126 7.27 -36.61 -21.81
N THR A 127 8.45 -36.15 -21.40
CA THR A 127 8.86 -36.18 -20.00
C THR A 127 7.72 -35.71 -19.07
N PHE A 128 7.27 -34.47 -19.30
CA PHE A 128 6.21 -33.89 -18.52
C PHE A 128 4.97 -34.78 -18.51
N ALA A 129 4.50 -35.16 -19.69
CA ALA A 129 3.36 -36.06 -19.77
C ALA A 129 3.64 -37.28 -18.91
N ASP A 130 4.87 -37.75 -19.01
CA ASP A 130 5.29 -38.94 -18.31
C ASP A 130 5.16 -38.80 -16.83
N TRP A 131 5.45 -37.62 -16.33
CA TRP A 131 5.46 -37.43 -14.88
C TRP A 131 4.08 -37.26 -14.28
N GLY A 132 3.11 -36.86 -15.11
CA GLY A 132 1.75 -36.65 -14.64
C GLY A 132 1.42 -35.19 -14.47
N VAL A 133 2.21 -34.33 -15.12
CA VAL A 133 1.96 -32.90 -15.13
C VAL A 133 0.58 -32.60 -15.69
N ASP A 134 -0.06 -31.57 -15.13
CA ASP A 134 -1.41 -31.17 -15.52
C ASP A 134 -1.45 -29.77 -16.08
N LEU A 135 -0.32 -29.07 -16.07
CA LEU A 135 -0.23 -27.67 -16.52
C LEU A 135 1.23 -27.31 -16.66
N LEU A 136 1.54 -26.50 -17.67
CA LEU A 136 2.92 -26.06 -17.97
C LEU A 136 2.94 -24.57 -18.24
N LYS A 137 3.82 -23.87 -17.56
CA LYS A 137 4.03 -22.49 -17.80
C LYS A 137 5.27 -22.36 -18.62
N PHE A 138 5.12 -21.92 -19.85
CA PHE A 138 6.27 -21.74 -20.71
C PHE A 138 6.72 -20.27 -20.74
N ASP A 139 7.94 -19.99 -20.34
CA ASP A 139 8.47 -18.60 -20.32
C ASP A 139 9.29 -18.29 -21.57
N GLY A 140 9.64 -17.03 -21.79
CA GLY A 140 10.38 -16.64 -23.00
C GLY A 140 11.80 -16.05 -22.91
N CYS A 141 12.58 -16.41 -21.91
CA CYS A 141 13.91 -15.81 -21.79
C CYS A 141 14.84 -16.48 -22.72
N TYR A 142 15.86 -15.71 -23.13
CA TYR A 142 17.02 -16.27 -23.81
C TYR A 142 16.64 -16.99 -25.07
N CYS A 143 16.20 -16.23 -26.06
CA CYS A 143 16.11 -16.80 -27.40
C CYS A 143 16.29 -15.82 -28.56
N ASP A 144 17.03 -16.31 -29.57
CA ASP A 144 17.41 -15.60 -30.77
C ASP A 144 16.52 -14.46 -31.25
N SER A 145 15.28 -14.76 -31.65
CA SER A 145 14.40 -13.82 -32.38
C SER A 145 12.94 -14.16 -32.20
N LEU A 146 12.07 -13.31 -32.79
CA LEU A 146 10.59 -13.47 -32.72
C LEU A 146 10.17 -14.65 -33.57
N GLU A 147 10.87 -14.79 -34.68
CA GLU A 147 10.77 -15.96 -35.51
C GLU A 147 10.82 -17.22 -34.67
N ASN A 148 11.91 -17.42 -33.94
CA ASN A 148 12.13 -18.63 -33.13
C ASN A 148 11.14 -18.78 -32.01
N LEU A 149 11.03 -17.73 -31.21
CA LEU A 149 10.07 -17.63 -30.14
C LEU A 149 8.67 -18.06 -30.60
N ALA A 150 8.22 -17.46 -31.70
CA ALA A 150 6.91 -17.72 -32.24
C ALA A 150 6.78 -19.20 -32.58
N ASP A 151 7.86 -19.77 -33.10
CA ASP A 151 7.87 -21.20 -33.46
C ASP A 151 7.90 -22.15 -32.26
N GLY A 152 8.67 -21.78 -31.23
CA GLY A 152 8.78 -22.62 -30.06
C GLY A 152 7.41 -22.77 -29.41
N TYR A 153 6.76 -21.63 -29.22
CA TYR A 153 5.47 -21.64 -28.59
C TYR A 153 4.52 -22.56 -29.33
N LYS A 154 4.45 -22.38 -30.64
CA LYS A 154 3.65 -23.26 -31.49
C LYS A 154 4.07 -24.73 -31.31
N HIS A 155 5.35 -25.00 -31.55
CA HIS A 155 5.87 -26.37 -31.57
C HIS A 155 5.63 -27.07 -30.26
N MET A 156 5.92 -26.39 -29.15
CA MET A 156 5.60 -26.93 -27.85
C MET A 156 4.11 -27.24 -27.73
N SER A 157 3.27 -26.27 -28.09
CA SER A 157 1.83 -26.49 -28.03
C SER A 157 1.49 -27.77 -28.75
N LEU A 158 1.93 -27.90 -29.99
CA LEU A 158 1.62 -29.11 -30.73
C LEU A 158 2.04 -30.35 -29.94
N ALA A 159 3.25 -30.30 -29.36
CA ALA A 159 3.90 -31.48 -28.78
C ALA A 159 3.07 -32.06 -27.65
N LEU A 160 2.66 -31.17 -26.77
CA LEU A 160 1.82 -31.49 -25.62
C LEU A 160 0.55 -32.24 -25.99
N ASN A 161 -0.12 -31.81 -27.06
CA ASN A 161 -1.26 -32.52 -27.62
C ASN A 161 -0.85 -33.93 -28.08
N ARG A 162 0.34 -34.02 -28.67
CA ARG A 162 0.84 -35.29 -29.20
C ARG A 162 1.07 -36.34 -28.10
N THR A 163 1.52 -35.89 -26.94
CA THR A 163 1.71 -36.74 -25.76
C THR A 163 0.37 -37.28 -25.34
N GLY A 164 -0.69 -36.69 -25.87
CA GLY A 164 -2.02 -37.23 -25.65
C GLY A 164 -2.57 -37.02 -24.26
N ARG A 165 -1.92 -36.17 -23.49
CA ARG A 165 -2.41 -35.90 -22.16
C ARG A 165 -2.97 -34.49 -22.06
N SER A 166 -4.03 -34.33 -21.28
CA SER A 166 -4.54 -33.03 -20.92
C SER A 166 -3.52 -32.27 -20.11
N ILE A 167 -3.07 -31.13 -20.62
CA ILE A 167 -2.14 -30.24 -19.93
C ILE A 167 -2.47 -28.80 -20.26
N VAL A 168 -2.84 -28.01 -19.26
CA VAL A 168 -3.14 -26.59 -19.42
C VAL A 168 -1.87 -25.87 -19.85
N TYR A 169 -1.96 -25.11 -20.93
CA TYR A 169 -0.78 -24.56 -21.54
C TYR A 169 -0.88 -23.05 -21.44
N SER A 170 0.01 -22.51 -20.60
CA SER A 170 0.02 -21.14 -20.11
C SER A 170 1.26 -20.44 -20.65
N CYS A 171 1.09 -19.53 -21.61
CA CYS A 171 2.24 -19.01 -22.38
C CYS A 171 2.60 -17.59 -22.09
N GLU A 172 3.89 -17.31 -22.08
CA GLU A 172 4.36 -15.95 -21.88
C GLU A 172 4.67 -15.26 -23.23
N TRP A 173 4.29 -15.94 -24.30
CA TRP A 173 4.43 -15.46 -25.65
C TRP A 173 4.22 -13.94 -25.85
N PRO A 174 3.00 -13.39 -25.63
CA PRO A 174 2.77 -12.01 -26.10
C PRO A 174 3.73 -11.01 -25.49
N LEU A 175 4.07 -11.26 -24.24
CA LEU A 175 4.91 -10.37 -23.49
C LEU A 175 6.25 -10.15 -24.14
N TYR A 176 6.83 -11.25 -24.58
CA TYR A 176 8.12 -11.17 -25.22
C TYR A 176 8.03 -10.57 -26.60
N MET A 177 6.87 -10.54 -27.20
CA MET A 177 6.73 -10.00 -28.54
C MET A 177 6.80 -8.48 -28.65
N TRP A 178 6.24 -7.75 -27.68
CA TRP A 178 6.60 -6.32 -27.68
C TRP A 178 8.03 -6.13 -27.13
N PRO A 179 8.67 -5.00 -27.49
CA PRO A 179 8.14 -3.99 -28.41
C PRO A 179 8.56 -4.25 -29.87
N PHE A 180 8.47 -5.50 -30.31
CA PHE A 180 9.03 -5.86 -31.63
C PHE A 180 7.97 -5.94 -32.73
N GLN A 181 6.72 -5.88 -32.30
CA GLN A 181 5.54 -5.75 -33.13
C GLN A 181 4.43 -6.28 -32.26
N LYS A 182 3.28 -5.64 -32.36
CA LYS A 182 2.13 -6.08 -31.60
C LYS A 182 1.98 -7.58 -31.89
N PRO A 183 1.37 -8.33 -30.96
CA PRO A 183 1.18 -9.76 -31.24
C PRO A 183 -0.15 -10.05 -31.95
N ASN A 184 -0.20 -11.06 -32.78
CA ASN A 184 -1.50 -11.53 -33.32
C ASN A 184 -2.22 -12.38 -32.24
N TYR A 185 -3.20 -11.78 -31.55
CA TYR A 185 -3.84 -12.44 -30.37
C TYR A 185 -4.67 -13.68 -30.75
N THR A 186 -5.28 -13.59 -31.94
CA THR A 186 -6.03 -14.70 -32.51
C THR A 186 -5.12 -15.89 -32.76
N GLU A 187 -3.88 -15.61 -33.16
CA GLU A 187 -2.86 -16.67 -33.33
C GLU A 187 -2.62 -17.41 -32.00
N ILE A 188 -2.36 -16.60 -30.97
CA ILE A 188 -1.93 -17.06 -29.69
C ILE A 188 -3.05 -17.85 -29.10
N ARG A 189 -4.25 -17.31 -29.22
CA ARG A 189 -5.44 -18.01 -28.73
C ARG A 189 -5.54 -19.45 -29.28
N GLN A 190 -5.08 -19.67 -30.51
CA GLN A 190 -5.18 -20.99 -31.08
C GLN A 190 -4.19 -21.97 -30.50
N TYR A 191 -3.15 -21.45 -29.88
CA TYR A 191 -2.11 -22.29 -29.29
C TYR A 191 -2.07 -22.39 -27.76
N CYS A 192 -2.54 -21.34 -27.06
CA CYS A 192 -2.37 -21.21 -25.63
C CYS A 192 -3.70 -21.15 -24.88
N ASN A 193 -3.74 -21.74 -23.68
CA ASN A 193 -4.92 -21.61 -22.82
C ASN A 193 -4.95 -20.24 -22.13
N HIS A 194 -3.77 -19.68 -21.90
CA HIS A 194 -3.69 -18.30 -21.46
C HIS A 194 -2.31 -17.66 -21.55
N TRP A 195 -2.28 -16.35 -21.51
CA TRP A 195 -1.06 -15.68 -21.88
C TRP A 195 -0.77 -14.38 -21.13
N ARG A 196 0.51 -14.18 -20.88
CA ARG A 196 0.98 -13.05 -20.12
C ARG A 196 1.26 -11.86 -21.05
N ASN A 197 0.73 -10.71 -20.65
CA ASN A 197 0.64 -9.59 -21.54
C ASN A 197 1.58 -8.47 -21.15
N PHE A 198 1.63 -8.22 -19.86
CA PHE A 198 2.33 -7.05 -19.39
C PHE A 198 3.43 -7.50 -18.48
N ALA A 199 4.27 -6.56 -18.03
CA ALA A 199 5.30 -6.75 -16.95
C ALA A 199 4.99 -7.80 -15.86
N ASP A 200 5.91 -7.95 -14.91
CA ASP A 200 5.68 -8.85 -13.78
C ASP A 200 5.03 -8.15 -12.67
N ILE A 201 4.33 -8.90 -11.86
CA ILE A 201 3.72 -8.27 -10.70
C ILE A 201 4.73 -8.37 -9.55
N ASP A 202 4.76 -7.33 -8.71
CA ASP A 202 5.37 -7.50 -7.42
C ASP A 202 4.41 -7.00 -6.37
N ASP A 203 4.83 -7.12 -5.12
CA ASP A 203 4.00 -6.77 -4.01
C ASP A 203 3.84 -5.29 -3.90
N SER A 204 3.14 -4.66 -4.81
CA SER A 204 2.85 -3.25 -4.64
C SER A 204 1.57 -2.73 -5.25
N TRP A 205 1.05 -1.65 -4.67
CA TRP A 205 -0.08 -0.98 -5.31
C TRP A 205 0.32 -0.40 -6.66
N LYS A 206 1.60 -0.03 -6.80
CA LYS A 206 2.17 0.53 -8.02
C LYS A 206 2.04 -0.47 -9.13
N SER A 207 2.44 -1.69 -8.81
CA SER A 207 2.38 -2.79 -9.71
C SER A 207 0.94 -2.88 -10.16
N ILE A 208 0.06 -3.10 -9.21
CA ILE A 208 -1.31 -3.26 -9.55
C ILE A 208 -1.84 -2.10 -10.39
N LYS A 209 -1.65 -0.87 -9.95
CA LYS A 209 -2.08 0.29 -10.74
C LYS A 209 -1.70 0.12 -12.18
N SER A 210 -0.44 -0.23 -12.38
CA SER A 210 0.11 -0.18 -13.72
C SER A 210 -0.38 -1.34 -14.60
N ILE A 211 -0.69 -2.48 -14.00
CA ILE A 211 -1.25 -3.55 -14.78
C ILE A 211 -2.64 -3.16 -15.23
N LEU A 212 -3.39 -2.59 -14.31
CA LEU A 212 -4.75 -2.18 -14.58
C LEU A 212 -4.71 -1.15 -15.67
N ASP A 213 -3.81 -0.20 -15.53
CA ASP A 213 -3.70 0.92 -16.44
C ASP A 213 -3.38 0.50 -17.89
N TRP A 214 -2.71 -0.63 -17.97
CA TRP A 214 -2.14 -1.06 -19.22
C TRP A 214 -3.14 -1.90 -19.92
N THR A 215 -3.72 -2.85 -19.20
CA THR A 215 -4.86 -3.62 -19.65
C THR A 215 -5.99 -2.73 -20.10
N SER A 216 -6.16 -1.65 -19.36
CA SER A 216 -7.09 -0.56 -19.67
C SER A 216 -6.80 0.16 -21.01
N PHE A 217 -5.56 0.57 -21.21
CA PHE A 217 -5.15 1.31 -22.36
C PHE A 217 -5.10 0.42 -23.58
N ASN A 218 -5.40 -0.85 -23.43
CA ASN A 218 -5.19 -1.76 -24.54
C ASN A 218 -6.30 -2.69 -24.81
N GLN A 219 -7.51 -2.30 -24.45
CA GLN A 219 -8.60 -3.27 -24.43
C GLN A 219 -9.07 -3.77 -25.78
N GLU A 220 -9.34 -2.88 -26.73
CA GLU A 220 -9.77 -3.36 -28.06
C GLU A 220 -8.93 -4.54 -28.47
N ARG A 221 -7.60 -4.34 -28.43
CA ARG A 221 -6.62 -5.39 -28.63
C ARG A 221 -6.90 -6.74 -27.98
N ILE A 222 -7.36 -6.77 -26.75
CA ILE A 222 -7.27 -8.05 -26.05
C ILE A 222 -8.56 -8.56 -25.45
N VAL A 223 -9.49 -7.64 -25.21
CA VAL A 223 -10.67 -7.95 -24.41
C VAL A 223 -11.56 -8.89 -25.19
N ASP A 224 -11.57 -8.68 -26.50
CA ASP A 224 -12.47 -9.36 -27.44
C ASP A 224 -12.13 -10.86 -27.67
N VAL A 225 -10.84 -11.18 -27.77
CA VAL A 225 -10.38 -12.54 -28.02
C VAL A 225 -10.62 -13.47 -26.90
N ALA A 226 -10.67 -12.95 -25.67
CA ALA A 226 -10.74 -13.80 -24.50
C ALA A 226 -12.07 -14.54 -24.51
N GLY A 227 -12.08 -15.76 -24.01
CA GLY A 227 -13.26 -16.62 -24.07
C GLY A 227 -12.86 -18.02 -23.61
N PRO A 228 -13.84 -18.92 -23.47
CA PRO A 228 -13.52 -20.24 -22.93
C PRO A 228 -12.35 -20.91 -23.63
N GLY A 229 -11.41 -21.46 -22.86
CA GLY A 229 -10.22 -22.12 -23.40
C GLY A 229 -9.07 -21.19 -23.76
N GLY A 230 -9.29 -19.89 -23.67
CA GLY A 230 -8.22 -18.96 -23.97
C GLY A 230 -8.39 -17.62 -23.28
N TRP A 231 -7.66 -17.41 -22.19
CA TRP A 231 -7.73 -16.19 -21.37
C TRP A 231 -6.52 -15.27 -21.39
N ASN A 232 -6.79 -13.97 -21.18
CA ASN A 232 -5.72 -13.01 -20.84
C ASN A 232 -5.24 -13.17 -19.39
N ASP A 233 -3.91 -13.12 -19.20
CA ASP A 233 -3.30 -13.35 -17.88
C ASP A 233 -2.56 -12.12 -17.34
N PRO A 234 -3.18 -11.41 -16.38
CA PRO A 234 -2.60 -10.15 -15.93
C PRO A 234 -1.63 -10.40 -14.79
N ASP A 235 -1.41 -11.67 -14.48
CA ASP A 235 -0.45 -12.12 -13.47
C ASP A 235 -1.07 -12.47 -12.10
N MET A 236 -0.22 -12.93 -11.16
CA MET A 236 -0.71 -13.59 -9.96
C MET A 236 -1.47 -12.71 -8.95
N LEU A 237 -2.20 -13.37 -8.05
CA LEU A 237 -2.84 -12.66 -6.95
C LEU A 237 -1.85 -12.55 -5.78
N VAL A 238 -1.53 -11.33 -5.44
CA VAL A 238 -0.56 -11.11 -4.40
C VAL A 238 -1.22 -10.78 -3.08
N ILE A 239 -2.55 -10.93 -3.02
CA ILE A 239 -3.31 -10.69 -1.82
C ILE A 239 -2.80 -11.69 -0.82
N GLY A 240 -2.58 -11.26 0.42
CA GLY A 240 -2.02 -12.18 1.40
C GLY A 240 -0.70 -11.75 2.01
N ASN A 241 0.07 -10.93 1.27
CA ASN A 241 1.47 -10.67 1.62
C ASN A 241 1.68 -9.37 2.38
N PHE A 242 2.54 -8.49 1.90
CA PHE A 242 2.95 -7.38 2.71
C PHE A 242 2.78 -6.02 2.10
N GLY A 243 2.60 -5.99 0.79
CA GLY A 243 2.61 -4.77 0.02
C GLY A 243 1.34 -3.94 -0.06
N LEU A 244 0.18 -4.59 -0.16
CA LEU A 244 -1.08 -3.91 -0.39
C LEU A 244 -1.89 -3.75 0.87
N SER A 245 -2.65 -2.67 0.95
CA SER A 245 -3.59 -2.46 2.04
C SER A 245 -4.85 -3.21 1.75
N TRP A 246 -5.82 -3.18 2.67
CA TRP A 246 -7.07 -3.93 2.51
C TRP A 246 -7.74 -3.48 1.24
N ASN A 247 -8.06 -2.20 1.16
CA ASN A 247 -8.77 -1.71 -0.02
C ASN A 247 -8.04 -1.97 -1.31
N GLN A 248 -6.71 -2.03 -1.22
CA GLN A 248 -5.95 -2.35 -2.39
C GLN A 248 -6.05 -3.82 -2.74
N GLN A 249 -6.06 -4.68 -1.75
CA GLN A 249 -6.30 -6.07 -2.01
C GLN A 249 -7.70 -6.23 -2.57
N VAL A 250 -8.71 -5.48 -2.10
CA VAL A 250 -10.04 -5.69 -2.70
C VAL A 250 -9.98 -5.24 -4.15
N THR A 251 -9.34 -4.10 -4.40
CA THR A 251 -9.08 -3.67 -5.75
C THR A 251 -8.54 -4.83 -6.60
N GLN A 252 -7.64 -5.63 -6.08
CA GLN A 252 -7.10 -6.66 -6.94
C GLN A 252 -8.15 -7.72 -7.25
N MET A 253 -8.75 -8.24 -6.19
CA MET A 253 -9.58 -9.38 -6.32
C MET A 253 -10.75 -8.99 -7.16
N ALA A 254 -11.30 -7.79 -6.93
CA ALA A 254 -12.42 -7.31 -7.71
C ALA A 254 -12.02 -7.24 -9.16
N LEU A 255 -10.92 -6.55 -9.45
CA LEU A 255 -10.56 -6.38 -10.86
C LEU A 255 -10.04 -7.59 -11.59
N TRP A 256 -9.47 -8.55 -10.88
CA TRP A 256 -9.15 -9.83 -11.49
C TRP A 256 -10.43 -10.62 -11.84
N ALA A 257 -11.53 -10.39 -11.11
CA ALA A 257 -12.80 -11.04 -11.47
C ALA A 257 -13.42 -10.42 -12.74
N ILE A 258 -13.61 -9.10 -12.74
CA ILE A 258 -13.95 -8.38 -13.95
C ILE A 258 -13.09 -8.81 -15.15
N MET A 259 -11.79 -8.98 -14.94
CA MET A 259 -10.85 -9.30 -16.02
C MET A 259 -10.91 -10.74 -16.60
N ALA A 260 -11.76 -11.61 -16.04
CA ALA A 260 -11.76 -13.05 -16.41
C ALA A 260 -10.35 -13.56 -16.51
N ALA A 261 -9.57 -13.23 -15.48
CA ALA A 261 -8.17 -13.60 -15.37
C ALA A 261 -8.04 -14.92 -14.67
N PRO A 262 -6.97 -15.68 -14.95
CA PRO A 262 -6.65 -16.84 -14.13
C PRO A 262 -6.32 -16.42 -12.69
N LEU A 263 -6.55 -17.28 -11.72
CA LEU A 263 -6.31 -16.85 -10.40
C LEU A 263 -5.29 -17.74 -9.73
N PHE A 264 -4.00 -17.38 -9.86
CA PHE A 264 -2.93 -18.14 -9.23
C PHE A 264 -2.47 -17.26 -8.10
N MET A 265 -2.66 -17.71 -6.87
CA MET A 265 -2.13 -16.94 -5.74
C MET A 265 -0.61 -17.18 -5.66
N SER A 266 0.13 -16.14 -5.33
CA SER A 266 1.49 -16.30 -4.88
C SER A 266 1.65 -15.71 -3.47
N ASN A 267 1.48 -16.56 -2.48
CA ASN A 267 1.48 -16.13 -1.11
C ASN A 267 1.79 -17.33 -0.24
N ASP A 268 1.91 -17.14 1.07
CA ASP A 268 2.25 -18.22 1.97
C ASP A 268 1.04 -18.69 2.73
N LEU A 269 0.44 -19.78 2.22
CA LEU A 269 -0.74 -20.39 2.83
C LEU A 269 -0.55 -20.78 4.29
N ARG A 270 0.70 -20.90 4.74
CA ARG A 270 1.00 -21.22 6.14
C ARG A 270 0.92 -20.03 7.09
N HIS A 271 1.15 -18.81 6.59
CA HIS A 271 0.89 -17.63 7.41
C HIS A 271 0.17 -16.62 6.52
N ILE A 272 -1.14 -16.53 6.73
CA ILE A 272 -2.05 -15.67 5.95
C ILE A 272 -3.16 -15.08 6.86
N SER A 273 -3.25 -13.75 6.89
CA SER A 273 -4.31 -13.09 7.67
C SER A 273 -5.64 -13.80 7.42
N PRO A 274 -6.54 -13.83 8.42
CA PRO A 274 -7.68 -14.64 8.12
C PRO A 274 -8.62 -13.79 7.29
N GLN A 275 -8.47 -12.47 7.30
CA GLN A 275 -9.30 -11.74 6.38
C GLN A 275 -8.78 -11.75 4.93
N ALA A 276 -7.52 -12.08 4.73
CA ALA A 276 -7.08 -12.27 3.35
C ALA A 276 -7.63 -13.60 2.82
N LYS A 277 -7.68 -14.61 3.69
CA LYS A 277 -8.32 -15.84 3.32
C LYS A 277 -9.79 -15.63 2.93
N ALA A 278 -10.52 -14.85 3.74
CA ALA A 278 -11.90 -14.42 3.45
C ALA A 278 -12.08 -13.90 2.01
N LEU A 279 -11.47 -12.76 1.69
CA LEU A 279 -11.42 -12.22 0.32
C LEU A 279 -11.12 -13.25 -0.72
N LEU A 280 -9.93 -13.83 -0.66
CA LEU A 280 -9.43 -14.79 -1.64
C LEU A 280 -10.33 -15.97 -1.91
N GLN A 281 -11.32 -16.20 -1.04
CA GLN A 281 -12.28 -17.31 -1.12
C GLN A 281 -13.76 -16.86 -1.28
N ASP A 282 -13.99 -15.53 -1.36
CA ASP A 282 -15.34 -14.99 -1.57
C ASP A 282 -16.00 -15.71 -2.75
N LYS A 283 -17.08 -16.45 -2.43
CA LYS A 283 -17.84 -17.22 -3.42
C LYS A 283 -18.40 -16.39 -4.54
N ASP A 284 -19.21 -15.43 -4.15
CA ASP A 284 -19.86 -14.56 -5.10
C ASP A 284 -18.78 -13.95 -5.91
N VAL A 285 -17.72 -13.44 -5.28
CA VAL A 285 -16.65 -12.85 -6.11
C VAL A 285 -16.02 -13.87 -7.04
N ILE A 286 -15.65 -15.04 -6.54
CA ILE A 286 -15.02 -16.05 -7.39
C ILE A 286 -15.92 -16.39 -8.56
N ALA A 287 -17.20 -16.63 -8.24
CA ALA A 287 -18.25 -16.85 -9.27
C ALA A 287 -18.20 -15.83 -10.40
N ILE A 288 -17.98 -14.56 -10.11
CA ILE A 288 -17.88 -13.58 -11.18
C ILE A 288 -16.70 -13.92 -12.13
N ASN A 289 -15.55 -14.16 -11.54
CA ASN A 289 -14.40 -14.54 -12.32
C ASN A 289 -14.72 -15.77 -13.16
N GLN A 290 -15.44 -16.70 -12.53
CA GLN A 290 -15.72 -18.02 -13.10
C GLN A 290 -16.98 -18.10 -13.94
N ASP A 291 -17.56 -16.95 -14.28
CA ASP A 291 -18.86 -16.94 -14.89
C ASP A 291 -18.80 -17.78 -16.14
N PRO A 292 -19.71 -18.75 -16.26
CA PRO A 292 -19.57 -19.77 -17.27
C PRO A 292 -19.62 -19.21 -18.68
N LEU A 293 -20.12 -17.99 -18.82
CA LEU A 293 -20.27 -17.41 -20.13
C LEU A 293 -18.88 -17.21 -20.67
N GLY A 294 -18.06 -16.51 -19.92
CA GLY A 294 -16.66 -16.30 -20.29
C GLY A 294 -16.28 -15.02 -20.99
N LYS A 295 -17.23 -14.10 -21.20
CA LYS A 295 -16.98 -12.76 -21.76
C LYS A 295 -16.17 -11.89 -20.77
N GLN A 296 -15.04 -11.39 -21.23
CA GLN A 296 -14.16 -10.58 -20.40
C GLN A 296 -14.65 -9.15 -20.27
N GLY A 297 -14.65 -8.62 -19.03
CA GLY A 297 -15.05 -7.24 -18.72
C GLY A 297 -14.08 -6.23 -19.31
N TYR A 298 -14.32 -4.94 -19.11
CA TYR A 298 -13.56 -3.87 -19.74
C TYR A 298 -13.82 -2.57 -18.97
N GLN A 299 -13.06 -1.51 -19.24
CA GLN A 299 -13.25 -0.24 -18.55
C GLN A 299 -14.32 0.58 -19.26
N LEU A 300 -15.38 0.98 -18.58
CA LEU A 300 -16.43 1.80 -19.21
C LEU A 300 -16.13 3.28 -19.21
N ARG A 301 -15.83 3.79 -18.03
CA ARG A 301 -15.66 5.23 -17.80
C ARG A 301 -14.33 5.45 -17.06
N GLN A 302 -13.90 6.71 -17.00
CA GLN A 302 -12.58 7.11 -16.55
C GLN A 302 -12.51 8.62 -16.28
N GLY A 303 -11.80 8.98 -15.24
CA GLY A 303 -11.69 10.40 -14.90
C GLY A 303 -12.35 10.83 -13.59
N ASP A 304 -11.94 12.03 -13.16
CA ASP A 304 -12.01 12.51 -11.79
C ASP A 304 -11.45 11.49 -10.77
N ASN A 305 -10.28 10.93 -11.09
CA ASN A 305 -9.68 9.83 -10.32
C ASN A 305 -10.62 8.71 -9.92
N PHE A 306 -11.56 8.40 -10.80
CA PHE A 306 -12.44 7.23 -10.62
C PHE A 306 -12.34 6.40 -11.88
N GLU A 307 -12.58 5.09 -11.76
CA GLU A 307 -12.70 4.23 -12.92
C GLU A 307 -13.95 3.38 -12.89
N VAL A 308 -14.63 3.20 -14.03
CA VAL A 308 -15.78 2.27 -14.05
C VAL A 308 -15.47 1.10 -14.94
N TRP A 309 -15.63 -0.10 -14.42
CA TRP A 309 -15.36 -1.32 -15.14
C TRP A 309 -16.62 -2.17 -15.01
N GLU A 310 -16.87 -3.03 -15.97
CA GLU A 310 -18.08 -3.84 -15.96
C GLU A 310 -17.83 -5.08 -16.82
N ARG A 311 -18.54 -6.17 -16.55
CA ARG A 311 -18.37 -7.44 -17.25
C ARG A 311 -19.71 -8.12 -17.44
N PRO A 312 -20.05 -8.52 -18.66
CA PRO A 312 -21.28 -9.25 -18.85
C PRO A 312 -21.20 -10.69 -18.37
N LEU A 313 -22.24 -11.12 -17.66
CA LEU A 313 -22.34 -12.46 -17.07
C LEU A 313 -23.44 -13.25 -17.71
N SER A 314 -23.62 -14.48 -17.26
CA SER A 314 -24.75 -15.30 -17.69
C SER A 314 -26.06 -14.86 -17.09
N GLY A 315 -27.13 -15.05 -17.85
CA GLY A 315 -28.46 -14.83 -17.34
C GLY A 315 -28.75 -13.37 -17.27
N LEU A 316 -28.19 -12.60 -18.19
CA LEU A 316 -28.38 -11.16 -18.21
C LEU A 316 -27.92 -10.44 -16.92
N ALA A 317 -26.91 -10.98 -16.24
CA ALA A 317 -26.30 -10.32 -15.11
C ALA A 317 -25.09 -9.65 -15.63
N TRP A 318 -24.63 -8.67 -14.86
CA TRP A 318 -23.39 -7.93 -15.05
C TRP A 318 -22.73 -7.72 -13.71
N ALA A 319 -21.41 -7.56 -13.73
CA ALA A 319 -20.64 -7.09 -12.59
C ALA A 319 -20.12 -5.70 -12.93
N VAL A 320 -20.18 -4.79 -11.97
CA VAL A 320 -19.67 -3.42 -12.17
C VAL A 320 -18.69 -3.20 -11.04
N ALA A 321 -17.55 -2.55 -11.33
CA ALA A 321 -16.54 -2.23 -10.33
C ALA A 321 -16.21 -0.77 -10.44
N MET A 322 -16.26 -0.06 -9.31
CA MET A 322 -15.85 1.35 -9.27
C MET A 322 -14.59 1.54 -8.43
N ILE A 323 -13.49 1.97 -9.04
CA ILE A 323 -12.24 2.17 -8.31
C ILE A 323 -12.06 3.65 -7.96
N ASN A 324 -11.69 3.95 -6.71
CA ASN A 324 -11.19 5.29 -6.38
C ASN A 324 -9.66 5.41 -6.54
N ARG A 325 -9.22 6.09 -7.58
CA ARG A 325 -7.76 6.23 -7.75
C ARG A 325 -7.08 7.38 -6.98
N GLN A 326 -7.85 8.19 -6.26
CA GLN A 326 -7.27 9.34 -5.59
C GLN A 326 -6.61 8.84 -4.30
N GLU A 327 -5.29 9.01 -4.15
CA GLU A 327 -4.61 8.50 -2.95
C GLU A 327 -4.55 9.48 -1.77
N ILE A 328 -5.51 10.39 -1.65
CA ILE A 328 -5.47 11.40 -0.57
C ILE A 328 -6.88 11.60 -0.12
N GLY A 329 -7.08 12.25 1.02
CA GLY A 329 -8.45 12.49 1.54
C GLY A 329 -9.14 11.23 2.08
N GLY A 330 -10.47 11.23 2.03
CA GLY A 330 -11.28 10.21 2.69
C GLY A 330 -12.07 9.55 1.61
N PRO A 331 -13.11 8.73 1.96
CA PRO A 331 -13.91 8.03 0.95
C PRO A 331 -14.77 9.03 0.17
N ARG A 332 -14.78 8.93 -1.17
CA ARG A 332 -15.47 9.86 -2.06
C ARG A 332 -16.81 9.26 -2.47
N SER A 333 -17.76 10.13 -2.81
CA SER A 333 -19.05 9.67 -3.37
C SER A 333 -19.02 9.71 -4.90
N TYR A 334 -19.58 8.67 -5.53
CA TYR A 334 -19.65 8.57 -7.00
C TYR A 334 -21.06 8.18 -7.41
N THR A 335 -21.54 8.74 -8.53
CA THR A 335 -22.87 8.35 -9.09
C THR A 335 -22.91 8.12 -10.60
N ILE A 336 -23.45 6.99 -11.05
CA ILE A 336 -23.76 6.78 -12.49
C ILE A 336 -25.27 6.58 -12.70
N ALA A 337 -25.76 6.98 -13.87
CA ALA A 337 -27.10 6.58 -14.35
C ALA A 337 -27.12 5.08 -14.57
N VAL A 338 -28.00 4.38 -13.87
CA VAL A 338 -28.08 2.94 -13.97
C VAL A 338 -28.39 2.50 -15.44
N ALA A 339 -28.92 3.43 -16.21
CA ALA A 339 -29.21 3.28 -17.62
C ALA A 339 -27.94 3.28 -18.42
N SER A 340 -26.97 4.12 -18.12
CA SER A 340 -25.75 4.07 -18.91
C SER A 340 -24.86 2.93 -18.45
N LEU A 341 -25.39 2.03 -17.62
CA LEU A 341 -24.57 0.97 -17.06
C LEU A 341 -24.28 -0.25 -17.95
N GLY A 342 -25.03 -1.34 -17.78
CA GLY A 342 -24.70 -2.57 -18.51
C GLY A 342 -25.04 -2.51 -20.02
N LYS A 343 -24.48 -1.53 -20.71
CA LYS A 343 -24.81 -1.31 -22.12
C LYS A 343 -26.22 -0.71 -22.29
N GLY A 344 -26.92 -0.50 -21.19
CA GLY A 344 -28.29 0.02 -21.24
C GLY A 344 -29.28 -1.12 -21.18
N VAL A 345 -28.76 -2.35 -21.21
CA VAL A 345 -29.59 -3.51 -21.00
C VAL A 345 -29.89 -3.72 -19.53
N ALA A 346 -28.88 -3.86 -18.69
CA ALA A 346 -29.11 -4.22 -17.28
C ALA A 346 -29.75 -3.06 -16.56
N CYS A 347 -30.89 -3.33 -15.95
CA CYS A 347 -31.79 -2.28 -15.38
C CYS A 347 -32.83 -1.69 -16.36
N ASN A 348 -33.13 -2.42 -17.43
CA ASN A 348 -34.30 -2.14 -18.25
C ASN A 348 -35.26 -3.32 -18.25
N PRO A 349 -36.43 -3.16 -17.58
CA PRO A 349 -36.81 -1.89 -16.94
C PRO A 349 -36.21 -1.74 -15.52
N ALA A 350 -35.88 -2.85 -14.90
CA ALA A 350 -35.59 -2.83 -13.48
C ALA A 350 -34.37 -3.64 -13.14
N CYS A 351 -33.77 -3.31 -12.02
CA CYS A 351 -32.47 -3.76 -11.63
C CYS A 351 -32.41 -4.24 -10.18
N PHE A 352 -31.71 -5.34 -9.93
CA PHE A 352 -31.46 -5.66 -8.54
C PHE A 352 -29.97 -5.77 -8.24
N ILE A 353 -29.45 -4.75 -7.55
CA ILE A 353 -28.01 -4.69 -7.29
C ILE A 353 -27.69 -5.10 -5.91
N THR A 354 -26.91 -6.14 -5.80
CA THR A 354 -26.32 -6.40 -4.49
C THR A 354 -24.82 -5.95 -4.50
N GLN A 355 -24.35 -5.17 -3.53
CA GLN A 355 -22.91 -4.92 -3.45
C GLN A 355 -22.26 -6.17 -2.90
N LEU A 356 -21.12 -6.48 -3.48
CA LEU A 356 -20.45 -7.75 -3.28
C LEU A 356 -19.18 -7.60 -2.45
N LEU A 357 -18.65 -6.35 -2.44
CA LEU A 357 -17.28 -5.96 -2.01
C LEU A 357 -17.22 -4.42 -2.08
N PRO A 358 -16.71 -3.79 -1.01
CA PRO A 358 -15.97 -4.49 0.03
C PRO A 358 -16.88 -5.15 1.07
N VAL A 359 -18.21 -5.12 0.89
CA VAL A 359 -19.04 -5.76 1.88
C VAL A 359 -20.02 -6.84 1.54
N LYS A 360 -20.88 -6.67 0.56
CA LYS A 360 -22.08 -7.58 0.48
C LYS A 360 -23.24 -7.12 1.36
N ARG A 361 -23.75 -5.96 1.00
CA ARG A 361 -24.97 -5.44 1.42
C ARG A 361 -25.79 -5.46 0.10
N LYS A 362 -27.05 -5.90 0.17
CA LYS A 362 -28.03 -5.73 -0.91
C LYS A 362 -28.39 -4.27 -0.96
N LEU A 363 -28.31 -3.64 -2.12
CA LEU A 363 -28.85 -2.29 -2.27
C LEU A 363 -30.20 -2.59 -2.82
N GLY A 364 -31.06 -1.63 -3.07
CA GLY A 364 -32.45 -2.03 -3.46
C GLY A 364 -32.74 -2.49 -4.90
N PHE A 365 -33.96 -2.18 -5.31
CA PHE A 365 -34.34 -2.22 -6.70
C PHE A 365 -34.00 -0.88 -7.36
N TYR A 366 -33.43 -0.91 -8.56
CA TYR A 366 -33.15 0.35 -9.28
C TYR A 366 -33.96 0.47 -10.58
N GLU A 367 -34.72 1.57 -10.72
CA GLU A 367 -35.48 1.87 -11.93
C GLU A 367 -34.53 2.12 -13.06
N TRP A 368 -35.01 1.93 -14.28
CA TRP A 368 -34.19 2.28 -15.43
C TRP A 368 -33.79 3.75 -15.30
N THR A 369 -34.75 4.58 -14.88
CA THR A 369 -34.47 6.00 -14.59
C THR A 369 -33.48 6.22 -13.43
N SER A 370 -33.35 5.25 -12.51
CA SER A 370 -32.59 5.45 -11.25
C SER A 370 -31.09 5.74 -11.39
N ARG A 371 -30.51 6.39 -10.39
CA ARG A 371 -29.07 6.57 -10.30
C ARG A 371 -28.44 5.74 -9.20
N LEU A 372 -27.21 5.34 -9.44
CA LEU A 372 -26.49 4.66 -8.40
C LEU A 372 -25.51 5.62 -7.77
N ARG A 373 -25.71 5.84 -6.47
CA ARG A 373 -24.76 6.54 -5.66
C ARG A 373 -24.03 5.49 -4.89
N SER A 374 -22.74 5.73 -4.72
CA SER A 374 -21.85 4.85 -3.98
C SER A 374 -20.62 5.63 -3.49
N HIS A 375 -20.10 5.22 -2.33
CA HIS A 375 -18.90 5.81 -1.72
C HIS A 375 -17.69 4.86 -1.88
N ILE A 376 -16.65 5.33 -2.53
CA ILE A 376 -15.45 4.51 -2.66
C ILE A 376 -14.20 5.01 -1.81
N ASN A 377 -13.50 4.02 -1.24
CA ASN A 377 -12.30 4.21 -0.52
C ASN A 377 -11.10 4.58 -1.42
N PRO A 378 -10.23 5.52 -0.94
CA PRO A 378 -8.98 5.78 -1.62
C PRO A 378 -8.21 4.48 -1.84
N THR A 379 -7.76 4.29 -3.07
CA THR A 379 -7.27 2.98 -3.60
C THR A 379 -8.20 1.73 -3.50
N GLY A 380 -9.44 1.87 -3.05
CA GLY A 380 -10.33 0.73 -3.07
C GLY A 380 -11.20 0.67 -4.29
N THR A 381 -12.07 -0.34 -4.31
CA THR A 381 -13.03 -0.61 -5.39
C THR A 381 -14.35 -1.03 -4.82
N VAL A 382 -15.47 -0.57 -5.40
CA VAL A 382 -16.78 -1.16 -5.10
C VAL A 382 -17.22 -2.08 -6.21
N LEU A 383 -17.43 -3.34 -5.86
CA LEU A 383 -17.90 -4.32 -6.82
C LEU A 383 -19.33 -4.68 -6.55
N LEU A 384 -20.17 -4.47 -7.56
CA LEU A 384 -21.62 -4.69 -7.54
C LEU A 384 -22.00 -5.78 -8.51
N GLN A 385 -23.07 -6.48 -8.20
CA GLN A 385 -23.67 -7.36 -9.17
C GLN A 385 -25.12 -6.96 -9.40
N LEU A 386 -25.47 -6.89 -10.69
CA LEU A 386 -26.78 -6.46 -11.15
C LEU A 386 -27.59 -7.67 -11.65
N GLU A 387 -28.86 -7.79 -11.22
CA GLU A 387 -29.84 -8.74 -11.81
C GLU A 387 -31.05 -8.00 -12.43
N ASN A 388 -31.77 -8.68 -13.31
CA ASN A 388 -32.98 -8.11 -13.92
C ASN A 388 -34.32 -8.62 -13.35
N THR A 389 -35.37 -7.79 -13.38
CA THR A 389 -36.76 -8.29 -13.16
C THR A 389 -37.28 -9.40 -14.15
N MET A 390 -37.01 -9.16 -15.47
CA MET A 390 -37.39 -10.02 -16.66
C MET A 390 -38.64 -10.95 -16.48
N LEU B 1 12.41 27.81 18.88
CA LEU B 1 11.63 28.94 19.44
C LEU B 1 11.46 28.77 20.94
N ASP B 2 12.11 29.68 21.68
CA ASP B 2 12.12 29.67 23.13
C ASP B 2 10.85 30.20 23.82
N ASN B 3 9.69 29.61 23.51
CA ASN B 3 8.47 29.96 24.24
C ASN B 3 8.21 28.98 25.38
N GLY B 4 9.23 28.17 25.69
CA GLY B 4 9.10 27.10 26.67
C GLY B 4 8.07 26.03 26.32
N LEU B 5 7.62 26.03 25.05
CA LEU B 5 6.63 25.06 24.53
C LEU B 5 7.25 24.01 23.63
N ALA B 6 6.47 23.01 23.26
CA ALA B 6 6.95 21.89 22.41
C ALA B 6 8.27 21.28 22.89
N ARG B 7 8.52 21.31 24.20
CA ARG B 7 9.72 20.70 24.78
C ARG B 7 9.88 19.23 24.41
N THR B 8 8.81 18.55 24.02
CA THR B 8 8.90 17.31 23.25
C THR B 8 8.07 17.55 21.99
N PRO B 9 8.23 16.72 20.92
CA PRO B 9 7.48 16.88 19.68
C PRO B 9 5.96 16.86 19.90
N THR B 10 5.23 17.88 19.44
CA THR B 10 3.78 18.00 19.70
C THR B 10 2.98 16.80 19.21
N MET B 11 2.11 16.25 20.05
CA MET B 11 1.14 15.26 19.59
C MET B 11 -0.30 15.82 19.56
N GLY B 12 -1.02 15.55 18.47
CA GLY B 12 -2.44 15.87 18.35
C GLY B 12 -3.13 15.21 17.15
N TRP B 13 -4.04 15.96 16.53
CA TRP B 13 -4.76 15.48 15.37
C TRP B 13 -5.01 16.71 14.53
N LEU B 14 -4.86 16.52 13.22
CA LEU B 14 -5.04 17.56 12.22
C LEU B 14 -5.89 16.99 11.05
N HIS B 15 -6.89 17.76 10.61
CA HIS B 15 -7.91 17.27 9.69
C HIS B 15 -7.41 17.09 8.27
N TRP B 16 -6.47 17.95 7.87
CA TRP B 16 -6.13 18.04 6.46
C TRP B 16 -6.03 16.81 5.57
N GLU B 17 -5.23 15.80 5.92
CA GLU B 17 -4.99 14.73 4.94
C GLU B 17 -6.21 13.95 4.75
N ARG B 18 -6.88 13.65 5.83
CA ARG B 18 -8.08 12.84 5.71
C ARG B 18 -9.31 13.62 5.27
N PHE B 19 -9.38 14.90 5.58
CA PHE B 19 -10.61 15.64 5.34
C PHE B 19 -10.56 16.75 4.33
N MET B 20 -9.34 17.21 4.06
CA MET B 20 -9.05 18.12 2.97
C MET B 20 -9.99 19.33 3.00
N CYS B 21 -10.41 19.88 1.86
CA CYS B 21 -11.07 21.19 1.87
C CYS B 21 -12.54 21.06 1.57
N ASN B 22 -13.20 20.18 2.29
CA ASN B 22 -14.54 19.73 1.93
C ASN B 22 -15.63 20.67 2.44
N LEU B 23 -16.31 21.33 1.50
CA LEU B 23 -17.29 22.37 1.81
C LEU B 23 -18.74 22.01 1.56
N ASP B 24 -18.99 20.77 1.12
CA ASP B 24 -20.34 20.26 0.78
C ASP B 24 -20.92 19.55 2.01
N CYS B 25 -21.78 20.25 2.76
CA CYS B 25 -22.52 19.60 3.84
C CYS B 25 -23.96 19.35 3.45
N GLN B 26 -24.29 19.64 2.18
CA GLN B 26 -25.45 19.08 1.57
C GLN B 26 -25.26 17.57 1.52
N GLU B 27 -24.53 17.14 0.52
CA GLU B 27 -24.55 15.75 0.18
C GLU B 27 -23.53 15.00 1.02
N GLU B 28 -22.58 15.69 1.61
CA GLU B 28 -21.69 14.99 2.53
C GLU B 28 -21.52 15.65 3.89
N PRO B 29 -22.60 15.69 4.69
CA PRO B 29 -22.46 16.29 6.01
C PRO B 29 -21.34 15.67 6.90
N ASP B 30 -20.77 14.51 6.56
CA ASP B 30 -19.87 13.78 7.46
C ASP B 30 -18.41 14.08 7.30
N SER B 31 -18.02 14.53 6.11
CA SER B 31 -16.63 14.88 5.88
C SER B 31 -16.50 16.40 5.88
N CYS B 32 -17.63 17.07 5.63
CA CYS B 32 -17.71 18.50 5.68
C CYS B 32 -16.88 19.04 6.86
N ILE B 33 -15.97 19.96 6.56
CA ILE B 33 -15.28 20.72 7.61
C ILE B 33 -16.26 21.64 8.35
N SER B 34 -16.60 21.24 9.55
CA SER B 34 -17.67 21.88 10.32
C SER B 34 -17.32 21.77 11.77
N GLU B 35 -17.92 22.60 12.62
CA GLU B 35 -17.67 22.41 14.04
C GLU B 35 -18.05 20.99 14.44
N LYS B 36 -19.18 20.51 13.96
CA LYS B 36 -19.63 19.20 14.38
C LYS B 36 -18.52 18.14 14.23
N LEU B 37 -17.66 18.31 13.23
CA LEU B 37 -16.55 17.39 13.02
C LEU B 37 -15.54 17.48 14.16
N PHE B 38 -15.13 18.70 14.50
CA PHE B 38 -14.12 18.85 15.53
C PHE B 38 -14.68 18.47 16.86
N MET B 39 -15.85 19.01 17.13
CA MET B 39 -16.65 18.62 18.28
C MET B 39 -16.63 17.13 18.48
N GLU B 40 -16.95 16.38 17.43
CA GLU B 40 -16.98 14.96 17.55
C GLU B 40 -15.60 14.33 17.69
N MET B 41 -14.60 14.83 16.98
CA MET B 41 -13.23 14.30 17.16
C MET B 41 -12.74 14.59 18.56
N ALA B 42 -12.96 15.81 19.03
CA ALA B 42 -12.67 16.13 20.39
C ALA B 42 -13.31 15.04 21.26
N GLU B 43 -14.65 15.00 21.26
CA GLU B 43 -15.44 14.00 22.00
C GLU B 43 -14.71 12.65 22.08
N LEU B 44 -14.20 12.18 20.93
CA LEU B 44 -13.62 10.84 20.81
C LEU B 44 -12.20 10.71 21.30
N MET B 45 -11.38 11.75 21.12
CA MET B 45 -9.99 11.73 21.61
C MET B 45 -9.96 11.35 23.12
N VAL B 46 -10.96 11.83 23.85
CA VAL B 46 -11.18 11.55 25.27
C VAL B 46 -11.61 10.09 25.46
N SER B 47 -12.75 9.71 24.86
CA SER B 47 -13.34 8.37 24.98
C SER B 47 -12.36 7.22 24.79
N GLU B 48 -11.61 7.27 23.69
CA GLU B 48 -10.72 6.18 23.31
C GLU B 48 -9.27 6.41 23.75
N GLY B 49 -9.10 7.28 24.73
CA GLY B 49 -7.78 7.51 25.33
C GLY B 49 -6.63 7.74 24.38
N TRP B 50 -6.94 8.54 23.35
CA TRP B 50 -5.95 9.23 22.54
C TRP B 50 -5.19 10.23 23.41
N LYS B 51 -5.97 10.99 24.18
CA LYS B 51 -5.46 11.95 25.15
C LYS B 51 -4.62 11.15 26.15
N ASP B 52 -5.19 10.12 26.79
CA ASP B 52 -4.40 9.22 27.65
C ASP B 52 -3.04 8.88 27.06
N ALA B 53 -3.04 8.60 25.77
CA ALA B 53 -1.86 8.13 25.07
C ALA B 53 -0.85 9.22 24.70
N GLY B 54 -1.29 10.48 24.69
CA GLY B 54 -0.42 11.62 24.53
C GLY B 54 -0.80 12.66 23.48
N TYR B 55 -1.88 12.43 22.74
CA TYR B 55 -2.31 13.34 21.67
C TYR B 55 -3.25 14.39 22.28
N GLU B 56 -2.88 15.65 22.14
CA GLU B 56 -3.49 16.66 22.97
C GLU B 56 -3.99 17.83 22.13
N TYR B 57 -3.45 17.96 20.92
CA TYR B 57 -3.82 19.09 20.07
C TYR B 57 -4.88 18.81 18.98
N LEU B 58 -6.10 19.25 19.24
CA LEU B 58 -7.12 19.16 18.20
C LEU B 58 -6.93 20.32 17.24
N CYS B 59 -6.52 20.01 16.03
CA CYS B 59 -6.09 21.03 15.08
C CYS B 59 -6.96 21.12 13.88
N ILE B 60 -7.42 22.35 13.67
CA ILE B 60 -8.09 22.76 12.46
C ILE B 60 -7.06 23.14 11.38
N ASP B 61 -7.21 22.64 10.15
CA ASP B 61 -6.38 23.09 9.01
C ASP B 61 -7.16 24.06 8.11
N ASP B 62 -6.74 24.21 6.85
CA ASP B 62 -7.33 25.18 5.89
C ASP B 62 -8.89 25.10 5.73
N CYS B 63 -9.50 26.18 5.24
CA CYS B 63 -10.93 26.21 4.91
C CYS B 63 -11.95 26.39 6.08
N TRP B 64 -11.51 26.83 7.25
CA TRP B 64 -12.41 27.15 8.37
C TRP B 64 -13.04 28.57 8.36
N MET B 65 -12.42 29.48 7.62
CA MET B 65 -12.76 30.91 7.62
C MET B 65 -13.84 31.29 6.58
N ALA B 66 -14.45 32.45 6.79
CA ALA B 66 -15.41 33.04 5.86
C ALA B 66 -14.73 33.70 4.67
N PRO B 67 -15.37 33.69 3.49
CA PRO B 67 -14.82 34.25 2.25
C PRO B 67 -13.90 35.47 2.41
N GLN B 68 -14.29 36.41 3.26
CA GLN B 68 -13.41 37.53 3.61
C GLN B 68 -13.59 38.02 5.05
N ARG B 69 -12.82 39.06 5.36
CA ARG B 69 -12.73 39.65 6.68
C ARG B 69 -13.98 40.45 7.04
N ASP B 70 -14.22 40.62 8.34
CA ASP B 70 -15.31 41.47 8.81
C ASP B 70 -15.02 42.96 8.77
N SER B 71 -15.90 43.71 9.43
CA SER B 71 -15.86 45.17 9.62
C SER B 71 -14.62 45.75 10.32
N GLU B 72 -14.11 45.04 11.31
CA GLU B 72 -12.94 45.52 12.04
C GLU B 72 -11.64 45.13 11.32
N GLY B 73 -11.74 44.21 10.36
CA GLY B 73 -10.57 43.76 9.62
C GLY B 73 -10.08 42.44 10.15
N ARG B 74 -10.89 41.81 10.98
CA ARG B 74 -10.55 40.49 11.49
C ARG B 74 -11.12 39.35 10.62
N LEU B 75 -10.45 38.20 10.71
CA LEU B 75 -10.96 36.96 10.15
C LEU B 75 -12.22 36.60 10.90
N GLN B 76 -12.89 35.57 10.41
CA GLN B 76 -14.02 34.99 11.11
C GLN B 76 -14.24 33.62 10.56
N ALA B 77 -14.77 32.78 11.43
CA ALA B 77 -15.19 31.47 11.03
C ALA B 77 -16.23 31.59 9.92
N ASP B 78 -16.32 30.60 9.03
CA ASP B 78 -17.43 30.53 8.07
C ASP B 78 -18.72 30.51 8.84
N PRO B 79 -19.69 31.40 8.47
CA PRO B 79 -20.88 31.54 9.30
C PRO B 79 -21.64 30.23 9.39
N GLN B 80 -21.87 29.61 8.23
CA GLN B 80 -22.75 28.45 8.14
C GLN B 80 -22.10 27.18 8.72
N ARG B 81 -20.79 27.04 8.57
CA ARG B 81 -20.10 25.81 9.01
C ARG B 81 -19.56 25.84 10.45
N PHE B 82 -19.30 27.05 10.93
CA PHE B 82 -18.95 27.26 12.32
C PHE B 82 -19.90 28.30 12.84
N PRO B 83 -21.20 27.94 12.96
CA PRO B 83 -22.22 28.90 13.39
C PRO B 83 -21.78 29.51 14.68
N HIS B 84 -21.28 28.67 15.59
CA HIS B 84 -20.89 29.11 16.91
C HIS B 84 -19.55 29.85 17.03
N GLY B 85 -18.73 29.81 15.98
CA GLY B 85 -17.46 30.52 16.00
C GLY B 85 -16.39 29.76 16.76
N ILE B 86 -15.20 30.34 16.85
CA ILE B 86 -14.03 29.62 17.39
C ILE B 86 -13.95 29.75 18.89
N ARG B 87 -14.12 30.97 19.38
CA ARG B 87 -14.08 31.21 20.81
C ARG B 87 -14.89 30.14 21.56
N GLN B 88 -16.06 29.79 21.02
CA GLN B 88 -16.87 28.78 21.67
C GLN B 88 -16.34 27.37 21.42
N LEU B 89 -15.96 27.09 20.17
CA LEU B 89 -15.34 25.80 19.88
C LEU B 89 -14.10 25.58 20.74
N ALA B 90 -13.26 26.62 20.88
CA ALA B 90 -12.04 26.54 21.71
C ALA B 90 -12.41 26.06 23.09
N ASN B 91 -13.25 26.90 23.70
CA ASN B 91 -13.96 26.68 24.95
C ASN B 91 -14.40 25.27 25.22
N TYR B 92 -15.18 24.74 24.28
CA TYR B 92 -15.65 23.36 24.38
C TYR B 92 -14.51 22.33 24.47
N VAL B 93 -13.52 22.50 23.60
CA VAL B 93 -12.37 21.62 23.55
C VAL B 93 -11.67 21.62 24.92
N HIS B 94 -11.38 22.82 25.42
CA HIS B 94 -10.57 22.98 26.64
C HIS B 94 -11.21 22.16 27.72
N SER B 95 -12.52 22.36 27.90
CA SER B 95 -13.38 21.65 28.86
C SER B 95 -13.18 20.13 28.88
N LYS B 96 -12.97 19.54 27.71
CA LYS B 96 -12.67 18.10 27.60
C LYS B 96 -11.21 17.84 27.98
N GLY B 97 -10.44 18.89 28.20
CA GLY B 97 -9.06 18.73 28.64
C GLY B 97 -8.09 18.79 27.48
N LEU B 98 -8.52 19.34 26.35
CA LEU B 98 -7.70 19.34 25.11
C LEU B 98 -7.19 20.70 24.73
N LYS B 99 -6.38 20.77 23.67
CA LYS B 99 -5.90 22.07 23.12
C LYS B 99 -6.24 22.24 21.64
N LEU B 100 -6.54 23.49 21.25
CA LEU B 100 -7.05 23.82 19.93
C LEU B 100 -6.01 24.48 19.02
N GLY B 101 -5.77 23.85 17.85
CA GLY B 101 -4.96 24.45 16.78
C GLY B 101 -5.80 25.21 15.76
N ILE B 102 -5.24 26.23 15.13
CA ILE B 102 -5.86 26.87 13.97
C ILE B 102 -4.81 26.97 12.81
N TYR B 103 -5.25 27.39 11.62
CA TYR B 103 -4.37 27.48 10.45
C TYR B 103 -4.50 28.86 9.81
N ALA B 104 -3.37 29.50 9.49
CA ALA B 104 -3.35 30.70 8.66
C ALA B 104 -2.14 30.71 7.72
N ASP B 105 -2.10 31.70 6.84
CA ASP B 105 -1.09 31.75 5.75
C ASP B 105 -0.37 33.10 5.59
N VAL B 106 0.95 33.00 5.52
CA VAL B 106 1.83 34.18 5.54
C VAL B 106 1.47 35.20 4.46
N GLY B 107 0.98 34.72 3.31
CA GLY B 107 0.76 35.58 2.15
C GLY B 107 -0.60 36.24 2.01
N ASN B 108 -0.93 36.60 0.78
CA ASN B 108 -2.18 37.28 0.48
C ASN B 108 -3.40 36.35 0.62
N LYS B 109 -3.17 35.03 0.61
CA LYS B 109 -4.25 34.02 0.77
C LYS B 109 -3.76 32.72 1.41
N THR B 110 -4.69 31.91 1.91
CA THR B 110 -4.38 30.50 2.23
C THR B 110 -4.26 29.74 0.93
N CYS B 111 -3.87 28.47 1.05
CA CYS B 111 -3.73 27.64 -0.14
C CYS B 111 -5.10 27.33 -0.74
N ALA B 112 -6.15 27.40 0.09
CA ALA B 112 -7.50 27.11 -0.38
C ALA B 112 -8.04 28.25 -1.24
N GLY B 113 -7.44 29.42 -1.11
CA GLY B 113 -7.97 30.62 -1.75
C GLY B 113 -8.57 31.63 -0.78
N PHE B 114 -8.74 31.23 0.49
CA PHE B 114 -9.28 32.10 1.55
C PHE B 114 -8.30 33.15 2.09
N PRO B 115 -8.82 34.19 2.81
CA PRO B 115 -8.01 35.38 3.21
C PRO B 115 -6.65 35.10 3.90
N GLY B 116 -5.60 35.71 3.34
CA GLY B 116 -4.26 35.53 3.86
C GLY B 116 -4.03 36.56 4.93
N SER B 117 -2.82 36.60 5.45
CA SER B 117 -2.51 37.45 6.61
C SER B 117 -1.47 38.53 6.37
N PHE B 118 -1.02 38.68 5.13
CA PHE B 118 -0.11 39.76 4.74
C PHE B 118 -0.75 41.12 5.12
N GLY B 119 -0.07 41.85 6.00
CA GLY B 119 -0.52 43.16 6.49
C GLY B 119 -1.39 43.09 7.75
N TYR B 120 -1.64 41.88 8.22
CA TYR B 120 -2.57 41.66 9.32
C TYR B 120 -2.03 40.87 10.54
N TYR B 121 -0.75 40.50 10.49
CA TYR B 121 -0.14 39.66 11.53
C TYR B 121 -0.45 40.15 12.94
N ASP B 122 -0.12 41.40 13.22
CA ASP B 122 -0.41 42.00 14.52
C ASP B 122 -1.85 41.76 14.97
N ILE B 123 -2.84 42.28 14.22
CA ILE B 123 -4.25 42.07 14.55
C ILE B 123 -4.58 40.57 14.66
N ASP B 124 -4.19 39.79 13.67
CA ASP B 124 -4.59 38.38 13.58
C ASP B 124 -4.10 37.52 14.73
N ALA B 125 -2.91 37.84 15.23
CA ALA B 125 -2.36 37.09 16.34
C ALA B 125 -3.34 37.34 17.45
N GLN B 126 -3.61 38.63 17.69
CA GLN B 126 -4.47 39.06 18.77
C GLN B 126 -5.77 38.28 18.73
N THR B 127 -6.43 38.27 17.57
CA THR B 127 -7.67 37.51 17.38
C THR B 127 -7.53 36.08 17.86
N PHE B 128 -6.45 35.43 17.47
CA PHE B 128 -6.21 34.05 17.86
C PHE B 128 -6.06 33.96 19.37
N ALA B 129 -5.11 34.70 19.92
CA ALA B 129 -4.94 34.73 21.36
C ALA B 129 -6.30 34.95 22.00
N ASP B 130 -7.09 35.84 21.39
CA ASP B 130 -8.42 36.20 21.92
C ASP B 130 -9.34 35.01 22.06
N TRP B 131 -9.36 34.14 21.04
CA TRP B 131 -10.29 33.01 21.00
C TRP B 131 -9.92 31.89 21.95
N GLY B 132 -8.64 31.84 22.32
CA GLY B 132 -8.09 30.78 23.17
C GLY B 132 -7.42 29.67 22.37
N VAL B 133 -6.90 30.02 21.20
CA VAL B 133 -6.07 29.14 20.36
C VAL B 133 -4.78 28.74 21.08
N ASP B 134 -4.38 27.47 20.94
CA ASP B 134 -3.20 26.95 21.63
C ASP B 134 -2.05 26.59 20.73
N LEU B 135 -2.33 26.64 19.43
CA LEU B 135 -1.37 26.27 18.40
C LEU B 135 -1.78 26.93 17.07
N LEU B 136 -0.81 27.40 16.28
CA LEU B 136 -1.08 27.96 14.94
C LEU B 136 -0.19 27.32 13.87
N LYS B 137 -0.80 26.90 12.79
CA LYS B 137 -0.04 26.36 11.70
C LYS B 137 -0.01 27.44 10.64
N PHE B 138 1.17 28.03 10.42
CA PHE B 138 1.24 29.06 9.44
C PHE B 138 1.75 28.53 8.08
N ASP B 139 0.99 28.71 7.01
CA ASP B 139 1.39 28.16 5.71
C ASP B 139 1.97 29.25 4.82
N GLY B 140 2.58 28.88 3.70
CA GLY B 140 3.27 29.87 2.84
C GLY B 140 2.81 30.16 1.40
N CYS B 141 1.53 29.94 1.12
CA CYS B 141 1.00 30.16 -0.22
C CYS B 141 0.86 31.61 -0.52
N TYR B 142 0.97 31.90 -1.80
CA TYR B 142 0.63 33.22 -2.32
C TYR B 142 1.40 34.27 -1.59
N CYS B 143 2.68 34.42 -1.89
CA CYS B 143 3.37 35.65 -1.53
C CYS B 143 4.57 35.98 -2.40
N ASP B 144 4.69 37.29 -2.67
CA ASP B 144 5.75 37.91 -3.49
C ASP B 144 7.08 37.16 -3.56
N SER B 145 7.87 37.21 -2.49
CA SER B 145 9.27 36.80 -2.52
C SER B 145 9.70 36.14 -1.22
N LEU B 146 10.93 35.62 -1.22
CA LEU B 146 11.54 35.00 -0.04
C LEU B 146 11.74 36.07 1.01
N GLU B 147 12.21 37.21 0.54
CA GLU B 147 12.23 38.43 1.29
C GLU B 147 10.99 38.50 2.19
N ASN B 148 9.80 38.58 1.57
CA ASN B 148 8.52 38.76 2.29
C ASN B 148 8.17 37.63 3.20
N LEU B 149 8.18 36.43 2.61
CA LEU B 149 7.92 35.20 3.30
C LEU B 149 8.74 35.08 4.58
N ALA B 150 10.04 35.35 4.45
CA ALA B 150 10.98 35.27 5.56
C ALA B 150 10.52 36.19 6.69
N ASP B 151 10.09 37.39 6.30
CA ASP B 151 9.64 38.44 7.23
C ASP B 151 8.34 38.13 7.93
N GLY B 152 7.37 37.65 7.16
CA GLY B 152 6.08 37.27 7.71
C GLY B 152 6.26 36.25 8.81
N TYR B 153 7.02 35.21 8.53
CA TYR B 153 7.25 34.16 9.52
C TYR B 153 7.82 34.70 10.80
N LYS B 154 8.84 35.56 10.67
CA LYS B 154 9.44 36.21 11.83
C LYS B 154 8.42 37.08 12.53
N HIS B 155 7.81 37.99 11.76
CA HIS B 155 6.88 38.97 12.29
C HIS B 155 5.74 38.30 13.04
N MET B 156 5.14 37.28 12.42
CA MET B 156 4.07 36.52 13.07
C MET B 156 4.54 35.91 14.40
N SER B 157 5.70 35.26 14.36
CA SER B 157 6.29 34.71 15.57
C SER B 157 6.37 35.74 16.67
N LEU B 158 6.93 36.91 16.33
CA LEU B 158 7.02 37.99 17.31
C LEU B 158 5.64 38.31 17.88
N ALA B 159 4.70 38.60 16.99
CA ALA B 159 3.35 39.01 17.36
C ALA B 159 2.67 38.08 18.40
N LEU B 160 2.69 36.77 18.13
CA LEU B 160 2.15 35.77 19.03
C LEU B 160 2.72 35.88 20.45
N ASN B 161 4.03 36.06 20.60
CA ASN B 161 4.64 36.29 21.91
C ASN B 161 4.00 37.56 22.53
N ARG B 162 3.82 38.59 21.70
CA ARG B 162 3.30 39.89 22.14
C ARG B 162 1.91 39.78 22.77
N THR B 163 1.00 39.05 22.13
CA THR B 163 -0.28 38.68 22.72
C THR B 163 -0.13 38.14 24.13
N GLY B 164 1.07 37.66 24.45
CA GLY B 164 1.37 37.13 25.76
C GLY B 164 0.78 35.77 26.09
N ARG B 165 0.25 35.08 25.09
CA ARG B 165 -0.32 33.76 25.33
C ARG B 165 0.59 32.66 24.80
N SER B 166 0.58 31.49 25.45
CA SER B 166 1.30 30.33 24.97
C SER B 166 0.62 29.76 23.74
N ILE B 167 1.34 29.68 22.64
CA ILE B 167 0.82 29.20 21.36
C ILE B 167 1.93 28.44 20.61
N VAL B 168 1.75 27.14 20.42
CA VAL B 168 2.73 26.38 19.65
C VAL B 168 2.75 26.97 18.25
N TYR B 169 3.95 27.22 17.72
CA TYR B 169 4.06 27.89 16.42
C TYR B 169 4.68 27.01 15.34
N SER B 170 3.80 26.45 14.50
CA SER B 170 4.16 25.43 13.51
C SER B 170 4.26 25.99 12.07
N CYS B 171 5.48 26.09 11.57
CA CYS B 171 5.76 26.87 10.36
C CYS B 171 5.95 26.02 9.12
N GLU B 172 5.52 26.54 7.98
CA GLU B 172 5.83 25.89 6.72
C GLU B 172 6.94 26.62 5.97
N TRP B 173 7.61 27.51 6.69
CA TRP B 173 8.73 28.31 6.19
C TRP B 173 9.75 27.57 5.29
N PRO B 174 10.45 26.52 5.80
CA PRO B 174 11.59 25.99 5.02
C PRO B 174 11.16 25.48 3.67
N LEU B 175 10.01 24.82 3.66
CA LEU B 175 9.37 24.26 2.47
C LEU B 175 9.16 25.25 1.32
N TYR B 176 8.73 26.45 1.65
CA TYR B 176 8.57 27.48 0.67
C TYR B 176 9.88 28.16 0.27
N MET B 177 10.97 27.85 0.99
CA MET B 177 12.27 28.42 0.63
C MET B 177 13.02 27.72 -0.51
N TRP B 178 12.96 26.39 -0.58
CA TRP B 178 13.48 25.75 -1.78
C TRP B 178 12.49 25.98 -2.92
N PRO B 179 12.99 25.98 -4.14
CA PRO B 179 14.38 25.81 -4.52
C PRO B 179 15.08 27.14 -4.72
N PHE B 180 14.81 28.09 -3.82
CA PHE B 180 15.26 29.49 -4.02
C PHE B 180 16.49 29.81 -3.20
N GLN B 181 16.81 28.87 -2.30
CA GLN B 181 18.09 28.77 -1.62
C GLN B 181 17.81 27.92 -0.42
N LYS B 182 18.81 27.17 0.03
CA LYS B 182 18.69 26.35 1.22
C LYS B 182 18.21 27.28 2.34
N PRO B 183 17.46 26.76 3.31
CA PRO B 183 17.05 27.61 4.41
C PRO B 183 18.07 27.62 5.53
N ASN B 184 18.18 28.75 6.26
CA ASN B 184 19.02 28.83 7.46
C ASN B 184 18.18 28.17 8.58
N TYR B 185 18.53 26.94 8.92
CA TYR B 185 17.74 26.19 9.89
C TYR B 185 17.88 26.77 11.30
N THR B 186 19.09 27.21 11.64
CA THR B 186 19.32 27.91 12.92
C THR B 186 18.38 29.13 13.07
N GLU B 187 18.19 29.86 11.96
CA GLU B 187 17.34 31.05 11.95
C GLU B 187 15.92 30.66 12.26
N ILE B 188 15.40 29.67 11.51
CA ILE B 188 14.04 29.15 11.64
C ILE B 188 13.79 28.61 13.04
N ARG B 189 14.75 27.83 13.56
CA ARG B 189 14.69 27.31 14.92
C ARG B 189 14.46 28.42 15.95
N GLN B 190 14.94 29.62 15.68
CA GLN B 190 14.74 30.72 16.62
C GLN B 190 13.31 31.28 16.63
N TYR B 191 12.54 30.99 15.58
CA TYR B 191 11.20 31.54 15.43
C TYR B 191 10.05 30.55 15.45
N CYS B 192 10.34 29.26 15.24
CA CYS B 192 9.31 28.22 15.13
C CYS B 192 9.53 27.01 16.07
N ASN B 193 8.47 26.51 16.68
CA ASN B 193 8.52 25.26 17.42
C ASN B 193 8.69 24.06 16.51
N HIS B 194 8.08 24.10 15.33
CA HIS B 194 8.47 23.13 14.33
C HIS B 194 8.17 23.53 12.88
N TRP B 195 8.72 22.77 11.95
CA TRP B 195 8.65 23.21 10.56
C TRP B 195 8.60 22.12 9.46
N ARG B 196 7.88 22.45 8.41
CA ARG B 196 7.68 21.49 7.38
C ARG B 196 8.78 21.64 6.36
N ASN B 197 9.37 20.50 6.00
CA ASN B 197 10.60 20.47 5.25
C ASN B 197 10.42 20.04 3.81
N PHE B 198 9.67 18.95 3.63
CA PHE B 198 9.44 18.32 2.34
C PHE B 198 7.96 18.44 1.87
N ALA B 199 7.67 17.91 0.68
CA ALA B 199 6.35 17.91 0.10
C ALA B 199 5.29 17.39 1.07
N ASP B 200 4.05 17.44 0.59
CA ASP B 200 2.90 17.00 1.39
C ASP B 200 2.73 15.53 1.37
N ILE B 201 2.29 14.96 2.48
CA ILE B 201 2.10 13.56 2.52
C ILE B 201 0.72 13.27 1.94
N ASP B 202 0.58 12.13 1.29
CA ASP B 202 -0.76 11.61 1.02
C ASP B 202 -0.81 10.16 1.47
N ASP B 203 -1.95 9.51 1.29
CA ASP B 203 -2.17 8.15 1.71
C ASP B 203 -1.45 7.16 0.80
N SER B 204 -0.13 7.14 0.82
CA SER B 204 0.61 6.16 0.02
C SER B 204 1.96 5.76 0.59
N TRP B 205 2.34 4.53 0.29
CA TRP B 205 3.70 4.16 0.56
C TRP B 205 4.72 5.06 -0.26
N LYS B 206 4.36 5.40 -1.50
CA LYS B 206 5.17 6.29 -2.32
C LYS B 206 5.59 7.52 -1.53
N SER B 207 4.60 8.18 -0.93
CA SER B 207 4.75 9.40 -0.14
C SER B 207 5.68 9.06 0.99
N ILE B 208 5.33 8.04 1.72
CA ILE B 208 6.18 7.70 2.81
C ILE B 208 7.60 7.40 2.39
N LYS B 209 7.80 6.53 1.41
CA LYS B 209 9.14 6.30 0.88
C LYS B 209 9.85 7.63 0.65
N SER B 210 9.20 8.53 -0.06
CA SER B 210 9.92 9.68 -0.61
C SER B 210 10.25 10.74 0.46
N ILE B 211 9.43 10.80 1.50
CA ILE B 211 9.74 11.61 2.68
C ILE B 211 10.91 10.99 3.40
N LEU B 212 10.85 9.70 3.66
CA LEU B 212 11.93 9.05 4.34
C LEU B 212 13.22 9.30 3.59
N ASP B 213 13.19 9.05 2.28
CA ASP B 213 14.36 9.15 1.41
C ASP B 213 14.95 10.56 1.38
N TRP B 214 14.12 11.56 1.61
CA TRP B 214 14.54 12.90 1.39
C TRP B 214 15.15 13.38 2.68
N THR B 215 14.45 13.12 3.78
CA THR B 215 14.95 13.38 5.13
C THR B 215 16.31 12.72 5.28
N SER B 216 16.42 11.51 4.71
CA SER B 216 17.63 10.73 4.73
C SER B 216 18.76 11.34 3.89
N PHE B 217 18.41 11.85 2.70
CA PHE B 217 19.36 12.48 1.81
C PHE B 217 19.78 13.86 2.29
N ASN B 218 19.38 14.25 3.48
CA ASN B 218 19.55 15.63 3.89
C ASN B 218 19.84 15.76 5.34
N GLN B 219 20.30 14.69 5.98
CA GLN B 219 20.44 14.76 7.44
C GLN B 219 21.38 15.84 7.97
N GLU B 220 22.65 15.87 7.60
CA GLU B 220 23.52 16.89 8.18
C GLU B 220 22.77 18.18 8.29
N ARG B 221 22.18 18.62 7.20
CA ARG B 221 21.40 19.86 7.20
C ARG B 221 20.43 20.01 8.38
N ILE B 222 19.73 18.94 8.73
CA ILE B 222 18.58 19.13 9.57
C ILE B 222 18.61 18.36 10.86
N VAL B 223 19.29 17.23 10.86
CA VAL B 223 19.24 16.33 12.01
C VAL B 223 19.75 17.02 13.27
N ASP B 224 20.76 17.88 13.09
CA ASP B 224 21.54 18.41 14.20
C ASP B 224 20.86 19.59 14.91
N VAL B 225 20.03 20.33 14.17
CA VAL B 225 19.30 21.49 14.75
C VAL B 225 18.17 21.10 15.64
N ALA B 226 17.57 19.94 15.37
CA ALA B 226 16.39 19.53 16.12
C ALA B 226 16.77 19.29 17.58
N GLY B 227 15.86 19.71 18.47
CA GLY B 227 16.03 19.59 19.92
C GLY B 227 14.78 20.15 20.57
N PRO B 228 14.69 20.11 21.93
CA PRO B 228 13.55 20.66 22.65
C PRO B 228 13.15 22.07 22.23
N GLY B 229 11.85 22.26 22.01
CA GLY B 229 11.33 23.55 21.58
C GLY B 229 11.52 23.88 20.10
N GLY B 230 12.08 22.93 19.32
CA GLY B 230 12.27 23.14 17.89
C GLY B 230 12.51 21.84 17.15
N TRP B 231 11.46 21.36 16.46
CA TRP B 231 11.45 20.10 15.70
C TRP B 231 11.28 20.16 14.18
N ASN B 232 11.93 19.20 13.53
CA ASN B 232 11.68 18.92 12.13
C ASN B 232 10.35 18.17 12.01
N ASP B 233 9.52 18.65 11.07
CA ASP B 233 8.18 18.13 10.81
C ASP B 233 8.09 17.43 9.43
N PRO B 234 8.06 16.08 9.41
CA PRO B 234 8.04 15.34 8.14
C PRO B 234 6.60 15.13 7.65
N ASP B 235 5.65 15.61 8.46
CA ASP B 235 4.24 15.71 8.15
C ASP B 235 3.49 14.60 8.85
N MET B 236 2.18 14.53 8.60
CA MET B 236 1.19 13.85 9.46
C MET B 236 1.23 12.33 9.47
N LEU B 237 0.68 11.72 10.49
CA LEU B 237 0.52 10.30 10.50
C LEU B 237 -0.79 9.89 9.76
N VAL B 238 -0.64 9.02 8.76
CA VAL B 238 -1.71 8.65 7.90
C VAL B 238 -2.08 7.21 8.17
N ILE B 239 -1.63 6.69 9.30
CA ILE B 239 -1.98 5.36 9.76
C ILE B 239 -3.40 5.45 10.18
N GLY B 240 -4.19 4.47 9.77
CA GLY B 240 -5.62 4.49 10.02
C GLY B 240 -6.48 4.50 8.76
N ASN B 241 -5.95 4.93 7.64
CA ASN B 241 -6.80 5.13 6.49
C ASN B 241 -6.80 3.98 5.50
N PHE B 242 -6.45 4.24 4.23
CA PHE B 242 -6.71 3.28 3.18
C PHE B 242 -5.45 2.90 2.45
N GLY B 243 -4.42 3.74 2.55
CA GLY B 243 -3.29 3.71 1.65
C GLY B 243 -2.20 2.70 1.92
N LEU B 244 -1.91 2.44 3.16
CA LEU B 244 -0.72 1.69 3.54
C LEU B 244 -1.08 0.32 4.11
N SER B 245 -0.28 -0.70 3.82
CA SER B 245 -0.48 -2.02 4.46
C SER B 245 -0.08 -1.96 5.93
N TRP B 246 -0.07 -3.09 6.63
CA TRP B 246 0.24 -3.10 8.08
C TRP B 246 1.68 -2.72 8.27
N ASN B 247 2.56 -3.49 7.60
CA ASN B 247 4.01 -3.29 7.66
C ASN B 247 4.44 -1.88 7.22
N GLN B 248 3.72 -1.31 6.27
CA GLN B 248 3.96 0.06 5.90
C GLN B 248 3.60 1.04 7.01
N GLN B 249 2.47 0.81 7.68
CA GLN B 249 2.04 1.63 8.82
C GLN B 249 3.08 1.45 9.89
N VAL B 250 3.58 0.24 10.11
CA VAL B 250 4.62 0.18 11.15
C VAL B 250 5.85 0.95 10.74
N THR B 251 6.22 0.92 9.47
CA THR B 251 7.33 1.71 9.00
C THR B 251 7.16 3.19 9.35
N GLN B 252 5.97 3.73 9.16
CA GLN B 252 5.74 5.12 9.46
C GLN B 252 5.87 5.38 10.91
N MET B 253 5.12 4.65 11.74
CA MET B 253 5.13 4.89 13.18
C MET B 253 6.52 4.77 13.75
N ALA B 254 7.21 3.67 13.45
CA ALA B 254 8.59 3.48 13.87
C ALA B 254 9.40 4.65 13.39
N LEU B 255 9.39 4.93 12.10
CA LEU B 255 10.27 5.99 11.64
C LEU B 255 9.96 7.41 12.12
N TRP B 256 8.69 7.73 12.35
CA TRP B 256 8.37 9.05 12.87
C TRP B 256 8.90 9.15 14.31
N ALA B 257 8.99 8.02 14.97
CA ALA B 257 9.51 8.01 16.32
C ALA B 257 11.03 8.32 16.33
N ILE B 258 11.81 7.57 15.52
CA ILE B 258 13.25 7.79 15.27
C ILE B 258 13.52 9.23 14.86
N MET B 259 12.62 9.79 14.06
CA MET B 259 12.75 11.15 13.54
C MET B 259 12.39 12.28 14.50
N ALA B 260 12.13 11.97 15.76
CA ALA B 260 11.64 12.98 16.73
C ALA B 260 10.70 13.94 16.04
N ALA B 261 9.71 13.38 15.36
CA ALA B 261 8.74 14.15 14.61
C ALA B 261 7.61 14.50 15.52
N PRO B 262 6.89 15.60 15.21
CA PRO B 262 5.59 15.83 15.84
C PRO B 262 4.64 14.75 15.37
N LEU B 263 3.63 14.41 16.16
CA LEU B 263 2.75 13.38 15.68
C LEU B 263 1.35 13.95 15.56
N PHE B 264 1.00 14.42 14.39
CA PHE B 264 -0.37 14.84 14.19
C PHE B 264 -1.07 13.80 13.34
N MET B 265 -2.10 13.13 13.88
CA MET B 265 -2.85 12.13 13.09
C MET B 265 -3.76 12.84 12.07
N SER B 266 -3.84 12.34 10.86
CA SER B 266 -4.92 12.79 10.04
C SER B 266 -5.67 11.56 9.58
N ASN B 267 -6.70 11.20 10.32
CA ASN B 267 -7.47 10.03 10.05
C ASN B 267 -8.83 10.27 10.67
N ASP B 268 -9.71 9.28 10.57
CA ASP B 268 -11.08 9.42 11.07
C ASP B 268 -11.24 8.58 12.32
N LEU B 269 -11.32 9.26 13.45
CA LEU B 269 -11.27 8.60 14.74
C LEU B 269 -12.53 7.83 14.99
N ARG B 270 -13.57 8.15 14.22
CA ARG B 270 -14.85 7.48 14.24
C ARG B 270 -14.83 6.14 13.53
N HIS B 271 -14.04 5.95 12.47
CA HIS B 271 -13.95 4.60 11.92
C HIS B 271 -12.54 4.26 11.72
N ILE B 272 -12.00 3.45 12.63
CA ILE B 272 -10.54 3.13 12.67
C ILE B 272 -10.25 1.70 13.12
N SER B 273 -9.45 0.98 12.33
CA SER B 273 -9.27 -0.44 12.58
C SER B 273 -8.76 -0.49 14.00
N PRO B 274 -9.09 -1.56 14.72
CA PRO B 274 -8.69 -1.46 16.08
C PRO B 274 -7.19 -1.78 16.19
N GLN B 275 -6.60 -2.44 15.21
CA GLN B 275 -5.16 -2.56 15.31
C GLN B 275 -4.37 -1.37 14.76
N ALA B 276 -5.03 -0.42 14.09
CA ALA B 276 -4.37 0.88 13.82
C ALA B 276 -4.35 1.69 15.12
N LYS B 277 -5.43 1.60 15.88
CA LYS B 277 -5.43 2.18 17.18
C LYS B 277 -4.24 1.65 18.00
N ALA B 278 -4.11 0.32 18.13
CA ALA B 278 -3.03 -0.31 18.93
C ALA B 278 -1.70 0.37 18.66
N LEU B 279 -1.16 0.22 17.45
CA LEU B 279 0.01 0.93 16.96
C LEU B 279 0.02 2.41 17.30
N LEU B 280 -0.98 3.17 16.84
CA LEU B 280 -1.00 4.61 17.05
C LEU B 280 -0.81 5.04 18.53
N GLN B 281 -1.06 4.07 19.43
CA GLN B 281 -1.08 4.25 20.90
C GLN B 281 -0.01 3.39 21.62
N ASP B 282 0.87 2.77 20.85
CA ASP B 282 1.92 1.98 21.40
C ASP B 282 2.72 2.88 22.35
N LYS B 283 2.63 2.59 23.66
CA LYS B 283 3.32 3.36 24.69
C LYS B 283 4.78 3.43 24.47
N ASP B 284 5.41 2.26 24.42
CA ASP B 284 6.85 2.12 24.23
C ASP B 284 7.26 2.91 23.02
N VAL B 285 6.63 2.64 21.89
CA VAL B 285 7.00 3.38 20.70
C VAL B 285 6.80 4.90 20.92
N ILE B 286 5.63 5.31 21.47
CA ILE B 286 5.35 6.72 21.69
C ILE B 286 6.48 7.36 22.49
N ALA B 287 6.82 6.70 23.61
CA ALA B 287 8.02 7.01 24.44
C ALA B 287 9.26 7.40 23.66
N ILE B 288 9.57 6.62 22.64
CA ILE B 288 10.76 6.85 21.87
C ILE B 288 10.63 8.19 21.17
N ASN B 289 9.52 8.41 20.50
CA ASN B 289 9.28 9.70 19.91
C ASN B 289 9.44 10.81 20.97
N GLN B 290 8.94 10.56 22.19
CA GLN B 290 8.91 11.59 23.22
C GLN B 290 10.13 11.61 24.15
N ASP B 291 11.19 10.90 23.76
CA ASP B 291 12.30 10.73 24.66
C ASP B 291 12.72 12.10 25.19
N PRO B 292 12.77 12.27 26.52
CA PRO B 292 12.94 13.62 27.05
C PRO B 292 14.25 14.30 26.60
N LEU B 293 15.20 13.50 26.15
CA LEU B 293 16.48 14.02 25.67
C LEU B 293 16.27 14.97 24.50
N GLY B 294 15.67 14.47 23.44
CA GLY B 294 15.34 15.36 22.36
C GLY B 294 16.35 15.40 21.23
N LYS B 295 17.32 14.47 21.22
CA LYS B 295 18.22 14.27 20.09
C LYS B 295 17.51 13.51 18.99
N GLN B 296 17.56 14.04 17.76
CA GLN B 296 16.88 13.40 16.63
C GLN B 296 17.73 12.29 16.08
N GLY B 297 17.13 11.17 15.76
CA GLY B 297 17.85 10.05 15.15
C GLY B 297 18.11 10.22 13.66
N TYR B 298 18.70 9.22 13.01
CA TYR B 298 19.29 9.43 11.69
C TYR B 298 19.48 8.09 11.03
N GLN B 299 19.80 8.09 9.74
CA GLN B 299 20.11 6.87 8.98
C GLN B 299 21.58 6.45 9.06
N LEU B 300 21.83 5.29 9.67
CA LEU B 300 23.17 4.81 9.87
C LEU B 300 23.71 4.13 8.62
N ARG B 301 22.97 3.19 8.08
CA ARG B 301 23.49 2.31 7.04
C ARG B 301 22.44 2.21 5.90
N GLN B 302 22.82 1.58 4.80
CA GLN B 302 22.03 1.72 3.56
C GLN B 302 22.47 0.75 2.47
N GLY B 303 21.52 0.24 1.72
CA GLY B 303 21.82 -0.66 0.64
C GLY B 303 21.35 -2.09 0.78
N ASP B 304 21.47 -2.80 -0.35
CA ASP B 304 20.88 -4.11 -0.60
C ASP B 304 19.40 -4.06 -0.19
N ASN B 305 18.79 -2.95 -0.60
CA ASN B 305 17.44 -2.63 -0.22
C ASN B 305 17.18 -2.72 1.27
N PHE B 306 18.16 -2.40 2.12
CA PHE B 306 17.88 -2.31 3.54
C PHE B 306 18.22 -0.93 3.99
N GLU B 307 17.64 -0.47 5.11
CA GLU B 307 18.07 0.77 5.77
C GLU B 307 18.25 0.60 7.25
N VAL B 308 19.36 1.10 7.80
CA VAL B 308 19.46 1.16 9.28
C VAL B 308 19.35 2.57 9.87
N TRP B 309 18.40 2.72 10.76
CA TRP B 309 18.24 4.00 11.43
C TRP B 309 18.45 3.81 12.94
N GLU B 310 18.87 4.86 13.65
CA GLU B 310 18.99 4.75 15.09
C GLU B 310 18.76 6.12 15.68
N ARG B 311 18.47 6.16 17.00
CA ARG B 311 18.28 7.40 17.75
C ARG B 311 18.83 7.20 19.12
N PRO B 312 19.63 8.17 19.62
CA PRO B 312 20.00 8.24 21.04
C PRO B 312 18.88 8.74 21.99
N LEU B 313 18.69 8.01 23.09
CA LEU B 313 17.66 8.31 24.08
C LEU B 313 18.30 8.69 25.38
N SER B 314 17.52 8.86 26.45
CA SER B 314 18.11 9.19 27.73
C SER B 314 18.51 7.94 28.41
N GLY B 315 19.58 8.06 29.17
CA GLY B 315 19.95 6.99 30.08
C GLY B 315 20.62 5.94 29.27
N LEU B 316 21.39 6.42 28.30
CA LEU B 316 22.21 5.59 27.48
C LEU B 316 21.37 4.51 26.81
N ALA B 317 20.14 4.82 26.46
CA ALA B 317 19.40 3.94 25.57
C ALA B 317 19.43 4.46 24.14
N TRP B 318 19.09 3.56 23.22
CA TRP B 318 18.98 3.89 21.79
C TRP B 318 17.88 3.05 21.17
N ALA B 319 17.25 3.65 20.17
CA ALA B 319 16.31 2.94 19.29
C ALA B 319 16.99 2.65 17.98
N VAL B 320 16.80 1.43 17.51
CA VAL B 320 17.25 1.07 16.19
C VAL B 320 16.05 0.57 15.39
N ALA B 321 16.01 0.99 14.12
CA ALA B 321 14.99 0.66 13.18
C ALA B 321 15.64 0.11 11.94
N MET B 322 15.24 -1.10 11.56
CA MET B 322 15.66 -1.70 10.27
C MET B 322 14.51 -1.77 9.24
N ILE B 323 14.67 -1.12 8.08
CA ILE B 323 13.63 -1.15 7.01
C ILE B 323 13.99 -2.07 5.85
N ASN B 324 13.07 -2.96 5.47
CA ASN B 324 13.23 -3.75 4.25
C ASN B 324 12.56 -3.06 3.10
N ARG B 325 13.35 -2.47 2.21
CA ARG B 325 12.78 -1.73 1.12
C ARG B 325 12.47 -2.58 -0.10
N GLN B 326 12.73 -3.87 -0.05
CA GLN B 326 12.51 -4.68 -1.22
C GLN B 326 11.01 -5.08 -1.37
N GLU B 327 10.31 -4.60 -2.41
CA GLU B 327 8.85 -4.85 -2.58
C GLU B 327 8.55 -6.18 -3.30
N ILE B 328 9.37 -7.20 -3.14
CA ILE B 328 9.05 -8.48 -3.76
C ILE B 328 9.52 -9.56 -2.80
N GLY B 329 9.19 -10.81 -3.10
CA GLY B 329 9.61 -11.95 -2.27
C GLY B 329 8.99 -11.98 -0.87
N GLY B 330 9.71 -12.58 0.08
CA GLY B 330 9.18 -12.75 1.43
C GLY B 330 10.00 -11.98 2.44
N PRO B 331 9.89 -12.31 3.74
CA PRO B 331 10.65 -11.56 4.72
C PRO B 331 12.14 -11.94 4.61
N ARG B 332 13.01 -10.95 4.69
CA ARG B 332 14.45 -11.13 4.55
C ARG B 332 15.20 -11.15 5.91
N SER B 333 16.29 -11.92 6.01
CA SER B 333 17.10 -11.79 7.22
C SER B 333 18.18 -10.71 7.05
N TYR B 334 18.40 -9.94 8.12
CA TYR B 334 19.47 -8.93 8.21
C TYR B 334 20.34 -9.13 9.49
N THR B 335 21.64 -8.83 9.42
CA THR B 335 22.53 -8.84 10.60
C THR B 335 23.51 -7.64 10.69
N ILE B 336 23.56 -7.01 11.88
CA ILE B 336 24.59 -6.01 12.22
C ILE B 336 25.37 -6.45 13.44
N ALA B 337 26.66 -6.17 13.39
CA ALA B 337 27.47 -6.27 14.58
C ALA B 337 26.90 -5.26 15.60
N VAL B 338 26.42 -5.80 16.71
CA VAL B 338 25.94 -4.97 17.83
C VAL B 338 26.93 -3.84 18.23
N ALA B 339 28.21 -4.08 17.97
CA ALA B 339 29.27 -3.12 18.17
C ALA B 339 29.10 -1.92 17.25
N SER B 340 28.76 -2.16 15.96
CA SER B 340 28.67 -1.02 15.02
C SER B 340 27.40 -0.20 15.22
N LEU B 341 26.69 -0.48 16.29
CA LEU B 341 25.37 0.13 16.47
C LEU B 341 25.34 1.51 17.11
N GLY B 342 25.04 1.60 18.41
CA GLY B 342 24.72 2.88 19.02
C GLY B 342 25.96 3.72 19.15
N LYS B 343 26.62 3.96 18.02
CA LYS B 343 27.91 4.65 17.99
C LYS B 343 29.01 3.82 18.62
N GLY B 344 28.71 2.56 18.93
CA GLY B 344 29.64 1.71 19.66
C GLY B 344 29.54 1.76 21.17
N VAL B 345 28.83 2.74 21.69
CA VAL B 345 28.58 2.82 23.11
C VAL B 345 27.60 1.76 23.57
N ALA B 346 26.38 1.78 22.99
CA ALA B 346 25.30 0.86 23.39
C ALA B 346 25.63 -0.61 23.08
N CYS B 347 25.67 -1.42 24.13
CA CYS B 347 26.22 -2.79 24.11
C CYS B 347 27.73 -2.88 24.36
N ASN B 348 28.31 -1.87 25.02
CA ASN B 348 29.63 -1.97 25.62
C ASN B 348 29.54 -1.83 27.16
N PRO B 349 29.76 -2.94 27.90
CA PRO B 349 30.09 -4.27 27.35
C PRO B 349 28.85 -5.06 26.89
N ALA B 350 27.71 -4.74 27.48
CA ALA B 350 26.53 -5.55 27.30
C ALA B 350 25.29 -4.77 26.94
N CYS B 351 24.33 -5.52 26.43
CA CYS B 351 23.20 -4.97 25.75
C CYS B 351 21.94 -5.73 26.12
N PHE B 352 20.89 -5.01 26.46
CA PHE B 352 19.60 -5.70 26.55
C PHE B 352 18.56 -5.21 25.51
N ILE B 353 18.32 -6.01 24.47
CA ILE B 353 17.43 -5.58 23.36
C ILE B 353 16.03 -6.20 23.37
N THR B 354 15.02 -5.35 23.45
CA THR B 354 13.70 -5.81 23.29
C THR B 354 13.22 -5.24 21.96
N GLN B 355 12.75 -6.11 21.06
CA GLN B 355 12.01 -5.69 19.88
C GLN B 355 10.69 -5.09 20.27
N LEU B 356 10.40 -3.93 19.73
CA LEU B 356 9.23 -3.15 20.10
C LEU B 356 8.08 -3.30 19.05
N LEU B 357 8.49 -3.62 17.81
CA LEU B 357 7.69 -3.51 16.58
C LEU B 357 8.40 -4.33 15.54
N PRO B 358 7.64 -5.17 14.82
CA PRO B 358 6.19 -5.18 14.81
C PRO B 358 5.57 -6.01 15.98
N VAL B 359 6.39 -6.47 16.94
CA VAL B 359 5.75 -7.22 18.01
C VAL B 359 6.01 -6.87 19.46
N LYS B 360 7.23 -6.62 19.88
CA LYS B 360 7.44 -6.58 21.36
C LYS B 360 7.66 -7.98 21.88
N ARG B 361 8.73 -8.60 21.39
CA ARG B 361 9.36 -9.71 22.02
C ARG B 361 10.67 -9.12 22.61
N LYS B 362 11.01 -9.53 23.84
CA LYS B 362 12.34 -9.40 24.38
C LYS B 362 13.28 -10.36 23.62
N LEU B 363 14.35 -9.84 23.01
CA LEU B 363 15.47 -10.69 22.58
C LEU B 363 16.42 -10.78 23.79
N GLY B 364 17.46 -11.59 23.77
CA GLY B 364 18.28 -11.73 25.00
C GLY B 364 19.20 -10.58 25.46
N PHE B 365 20.32 -10.96 26.06
CA PHE B 365 21.41 -10.06 26.29
C PHE B 365 22.37 -10.16 25.11
N TYR B 366 22.99 -9.05 24.74
CA TYR B 366 23.95 -9.11 23.66
C TYR B 366 25.33 -8.68 24.13
N GLU B 367 26.33 -9.50 23.82
CA GLU B 367 27.72 -9.17 24.07
C GLU B 367 28.18 -8.03 23.18
N TRP B 368 29.15 -7.25 23.64
CA TRP B 368 29.77 -6.29 22.75
C TRP B 368 30.12 -6.98 21.43
N THR B 369 30.75 -8.16 21.54
CA THR B 369 31.13 -8.98 20.37
C THR B 369 29.94 -9.49 19.51
N SER B 370 28.74 -9.50 20.09
CA SER B 370 27.57 -10.17 19.51
C SER B 370 27.03 -9.55 18.25
N ARG B 371 26.39 -10.40 17.45
CA ARG B 371 25.65 -9.95 16.28
C ARG B 371 24.15 -9.94 16.51
N LEU B 372 23.47 -8.97 15.92
CA LEU B 372 22.03 -9.03 15.92
C LEU B 372 21.57 -9.56 14.58
N ARG B 373 20.96 -10.74 14.62
CA ARG B 373 20.20 -11.24 13.48
C ARG B 373 18.71 -10.89 13.65
N SER B 374 18.07 -10.47 12.56
CA SER B 374 16.66 -10.13 12.56
C SER B 374 16.06 -10.41 11.17
N HIS B 375 14.73 -10.62 11.10
CA HIS B 375 14.02 -10.81 9.83
C HIS B 375 13.01 -9.71 9.49
N ILE B 376 13.23 -8.93 8.44
CA ILE B 376 12.26 -7.86 8.12
C ILE B 376 11.34 -8.15 6.94
N ASN B 377 10.11 -7.66 7.09
CA ASN B 377 9.03 -7.85 6.12
C ASN B 377 9.20 -6.83 5.01
N PRO B 378 8.89 -7.25 3.75
CA PRO B 378 8.96 -6.32 2.63
C PRO B 378 8.10 -5.14 2.94
N THR B 379 8.67 -3.96 2.78
CA THR B 379 8.10 -2.66 3.23
C THR B 379 7.87 -2.44 4.74
N GLY B 380 8.07 -3.47 5.56
CA GLY B 380 8.13 -3.26 7.02
C GLY B 380 9.45 -2.67 7.57
N THR B 381 9.44 -2.56 8.91
CA THR B 381 10.57 -2.12 9.72
C THR B 381 10.59 -2.95 11.02
N VAL B 382 11.80 -3.28 11.50
CA VAL B 382 11.93 -3.77 12.88
C VAL B 382 12.43 -2.64 13.75
N LEU B 383 11.69 -2.35 14.82
CA LEU B 383 12.09 -1.36 15.77
C LEU B 383 12.52 -2.10 17.01
N LEU B 384 13.76 -1.82 17.41
CA LEU B 384 14.40 -2.34 18.62
C LEU B 384 14.75 -1.20 19.57
N GLN B 385 14.68 -1.50 20.87
CA GLN B 385 15.21 -0.64 21.90
C GLN B 385 16.31 -1.39 22.62
N LEU B 386 17.42 -0.69 22.88
CA LEU B 386 18.65 -1.24 23.50
C LEU B 386 18.89 -0.59 24.88
N GLU B 387 19.19 -1.41 25.91
CA GLU B 387 19.57 -0.93 27.27
C GLU B 387 20.96 -1.43 27.69
N ASN B 388 21.61 -0.68 28.59
CA ASN B 388 22.90 -1.10 29.16
C ASN B 388 22.92 -1.90 30.51
N THR B 389 23.83 -2.86 30.64
CA THR B 389 24.21 -3.43 31.94
C THR B 389 24.76 -2.44 32.97
N MET B 390 25.60 -1.49 32.52
CA MET B 390 26.26 -0.38 33.35
C MET B 390 26.45 -0.63 34.90
#